data_2EMX
#
_entry.id   2EMX
#
loop_
_entity.id
_entity.type
_entity.pdbx_description
1 polymer 'Zinc finger protein 268'
2 non-polymer 'ZINC ION'
#
_entity_poly.entity_id   1
_entity_poly.type   'polypeptide(L)'
_entity_poly.pdbx_seq_one_letter_code
;GSSGSSGEKPFGCSCCEKAFSSKSYLLVHQQTHAEEKPSGPSSG
;
_entity_poly.pdbx_strand_id   A
#
loop_
_chem_comp.id
_chem_comp.type
_chem_comp.name
_chem_comp.formula
ZN non-polymer 'ZINC ION' 'Zn 2'
#
# COMPACT_ATOMS: atom_id res chain seq x y z
N GLY A 1 8.12 11.35 -19.55
CA GLY A 1 9.50 11.76 -19.58
C GLY A 1 10.39 10.87 -18.74
N SER A 2 11.65 11.26 -18.57
CA SER A 2 12.60 10.48 -17.80
C SER A 2 12.13 10.32 -16.36
N SER A 3 11.52 9.18 -16.06
CA SER A 3 11.01 8.90 -14.72
C SER A 3 11.13 7.41 -14.40
N GLY A 4 11.80 7.10 -13.31
CA GLY A 4 11.97 5.71 -12.90
C GLY A 4 11.48 5.46 -11.49
N SER A 5 11.61 4.21 -11.03
CA SER A 5 11.16 3.84 -9.70
C SER A 5 12.34 3.67 -8.76
N SER A 6 12.26 4.27 -7.58
CA SER A 6 13.32 4.19 -6.59
C SER A 6 13.36 2.80 -5.95
N GLY A 7 14.38 2.03 -6.31
CA GLY A 7 14.51 0.69 -5.76
C GLY A 7 13.56 -0.31 -6.40
N GLU A 8 13.94 -1.58 -6.41
CA GLU A 8 13.10 -2.63 -6.98
C GLU A 8 11.83 -2.83 -6.16
N LYS A 9 10.69 -2.42 -6.70
CA LYS A 9 9.42 -2.57 -6.02
C LYS A 9 8.41 -3.30 -6.91
N PRO A 10 8.58 -4.62 -7.03
CA PRO A 10 7.70 -5.45 -7.84
C PRO A 10 6.30 -5.60 -7.23
N PHE A 11 6.09 -4.94 -6.09
CA PHE A 11 4.82 -4.99 -5.41
C PHE A 11 4.14 -3.62 -5.41
N GLY A 12 2.94 -3.57 -5.99
CA GLY A 12 2.21 -2.32 -6.05
C GLY A 12 0.79 -2.45 -5.54
N CYS A 13 0.43 -1.64 -4.56
CA CYS A 13 -0.91 -1.67 -3.99
C CYS A 13 -1.98 -1.63 -5.08
N SER A 14 -3.21 -1.95 -4.71
CA SER A 14 -4.31 -1.95 -5.66
C SER A 14 -5.21 -0.74 -5.45
N CYS A 15 -5.43 -0.38 -4.19
CA CYS A 15 -6.27 0.76 -3.86
C CYS A 15 -5.56 2.08 -4.19
N CYS A 16 -4.28 2.14 -3.84
CA CYS A 16 -3.49 3.34 -4.09
C CYS A 16 -2.40 3.06 -5.13
N GLU A 17 -1.55 4.06 -5.36
CA GLU A 17 -0.47 3.92 -6.34
C GLU A 17 0.87 3.76 -5.65
N LYS A 18 0.85 3.19 -4.44
CA LYS A 18 2.07 2.98 -3.67
C LYS A 18 2.74 1.66 -4.05
N ALA A 19 4.04 1.57 -3.82
CA ALA A 19 4.79 0.36 -4.14
C ALA A 19 5.74 -0.01 -3.01
N PHE A 20 5.93 -1.31 -2.80
CA PHE A 20 6.83 -1.79 -1.75
C PHE A 20 7.82 -2.79 -2.30
N SER A 21 8.76 -3.22 -1.46
CA SER A 21 9.78 -4.17 -1.86
C SER A 21 9.40 -5.58 -1.43
N SER A 22 8.95 -5.71 -0.19
CA SER A 22 8.55 -7.01 0.35
C SER A 22 7.05 -7.05 0.64
N LYS A 23 6.39 -8.06 0.10
CA LYS A 23 4.95 -8.22 0.29
C LYS A 23 4.55 -7.85 1.72
N SER A 24 5.19 -8.51 2.69
CA SER A 24 4.91 -8.27 4.10
C SER A 24 4.57 -6.80 4.34
N TYR A 25 5.49 -5.92 3.97
CA TYR A 25 5.29 -4.47 4.15
C TYR A 25 3.98 -4.03 3.50
N LEU A 26 3.81 -4.37 2.22
CA LEU A 26 2.61 -4.00 1.49
C LEU A 26 1.35 -4.45 2.24
N LEU A 27 1.39 -5.66 2.77
CA LEU A 27 0.26 -6.22 3.51
C LEU A 27 -0.13 -5.29 4.66
N VAL A 28 0.80 -5.06 5.58
CA VAL A 28 0.54 -4.19 6.72
C VAL A 28 -0.03 -2.86 6.28
N HIS A 29 0.41 -2.39 5.12
CA HIS A 29 -0.05 -1.11 4.59
C HIS A 29 -1.53 -1.19 4.20
N GLN A 30 -1.93 -2.35 3.68
CA GLN A 30 -3.31 -2.57 3.26
C GLN A 30 -4.26 -2.43 4.44
N GLN A 31 -3.78 -2.80 5.62
CA GLN A 31 -4.60 -2.73 6.83
C GLN A 31 -5.20 -1.34 6.99
N THR A 32 -4.44 -0.32 6.60
CA THR A 32 -4.90 1.06 6.72
C THR A 32 -6.19 1.27 5.92
N HIS A 33 -6.27 0.65 4.75
CA HIS A 33 -7.46 0.76 3.91
C HIS A 33 -8.67 0.11 4.57
N ALA A 34 -8.41 -0.70 5.59
CA ALA A 34 -9.48 -1.38 6.31
C ALA A 34 -9.91 -0.58 7.53
N GLU A 35 -9.52 0.68 7.58
CA GLU A 35 -9.86 1.55 8.70
C GLU A 35 -9.96 3.00 8.25
N GLU A 36 -10.69 3.81 9.02
CA GLU A 36 -10.86 5.22 8.69
C GLU A 36 -11.30 5.40 7.25
N LYS A 37 -11.96 4.38 6.70
CA LYS A 37 -12.42 4.43 5.32
C LYS A 37 -13.01 5.80 4.99
N PRO A 38 -12.85 6.23 3.73
CA PRO A 38 -13.36 7.51 3.25
C PRO A 38 -14.88 7.54 3.18
N SER A 39 -15.48 6.41 2.81
CA SER A 39 -16.92 6.29 2.69
C SER A 39 -17.59 6.46 4.06
N GLY A 40 -17.98 7.69 4.38
CA GLY A 40 -18.63 7.96 5.65
C GLY A 40 -19.67 9.04 5.56
N PRO A 41 -20.44 9.24 6.65
CA PRO A 41 -21.50 10.26 6.70
C PRO A 41 -20.93 11.68 6.72
N SER A 42 -19.61 11.78 6.79
CA SER A 42 -18.94 13.08 6.81
C SER A 42 -19.11 13.74 8.18
N SER A 43 -18.75 13.01 9.23
CA SER A 43 -18.86 13.52 10.59
C SER A 43 -17.49 13.61 11.25
N GLY A 44 -17.11 14.83 11.65
CA GLY A 44 -15.81 15.02 12.29
C GLY A 44 -15.65 14.17 13.53
ZN ZN B . -2.68 1.18 -0.51
N GLY A 1 17.82 -0.54 13.92
CA GLY A 1 16.62 -0.12 13.19
C GLY A 1 16.29 -1.05 12.04
N SER A 2 15.01 -1.11 11.69
CA SER A 2 14.56 -1.97 10.60
C SER A 2 15.51 -1.87 9.40
N SER A 3 15.41 -2.84 8.50
CA SER A 3 16.26 -2.87 7.32
C SER A 3 15.51 -3.44 6.12
N GLY A 4 15.98 -3.11 4.92
CA GLY A 4 15.33 -3.60 3.71
C GLY A 4 16.01 -3.08 2.45
N SER A 5 16.81 -3.92 1.82
CA SER A 5 17.52 -3.54 0.61
C SER A 5 16.57 -2.88 -0.38
N SER A 6 16.61 -1.56 -0.45
CA SER A 6 15.75 -0.80 -1.35
C SER A 6 16.24 -0.93 -2.79
N GLY A 7 15.36 -0.60 -3.74
CA GLY A 7 15.72 -0.68 -5.15
C GLY A 7 14.51 -0.83 -6.05
N GLU A 8 14.07 -2.06 -6.24
CA GLU A 8 12.91 -2.32 -7.10
C GLU A 8 11.69 -2.72 -6.26
N LYS A 9 10.56 -2.09 -6.54
CA LYS A 9 9.33 -2.37 -5.81
C LYS A 9 8.30 -3.05 -6.73
N PRO A 10 8.50 -4.35 -6.98
CA PRO A 10 7.60 -5.13 -7.84
C PRO A 10 6.25 -5.37 -7.18
N PHE A 11 6.09 -4.88 -5.96
CA PHE A 11 4.84 -5.03 -5.22
C PHE A 11 4.07 -3.72 -5.16
N GLY A 12 2.88 -3.71 -5.75
CA GLY A 12 2.07 -2.51 -5.75
C GLY A 12 0.67 -2.75 -5.23
N CYS A 13 0.25 -1.94 -4.26
CA CYS A 13 -1.07 -2.07 -3.66
C CYS A 13 -2.15 -2.09 -4.74
N SER A 14 -3.32 -2.62 -4.39
CA SER A 14 -4.44 -2.71 -5.33
C SER A 14 -5.38 -1.52 -5.15
N CYS A 15 -5.57 -1.11 -3.90
CA CYS A 15 -6.46 0.00 -3.59
C CYS A 15 -5.84 1.33 -4.06
N CYS A 16 -4.55 1.49 -3.81
CA CYS A 16 -3.85 2.70 -4.21
C CYS A 16 -2.75 2.39 -5.22
N GLU A 17 -1.98 3.41 -5.59
CA GLU A 17 -0.89 3.24 -6.55
C GLU A 17 0.46 3.21 -5.84
N LYS A 18 0.44 2.79 -4.57
CA LYS A 18 1.67 2.70 -3.78
C LYS A 18 2.46 1.45 -4.15
N ALA A 19 3.70 1.39 -3.70
CA ALA A 19 4.57 0.25 -3.97
C ALA A 19 5.53 -0.01 -2.82
N PHE A 20 5.77 -1.28 -2.52
CA PHE A 20 6.67 -1.66 -1.44
C PHE A 20 7.73 -2.64 -1.93
N SER A 21 8.90 -2.59 -1.31
CA SER A 21 10.01 -3.47 -1.69
C SER A 21 9.68 -4.93 -1.36
N SER A 22 9.11 -5.14 -0.17
CA SER A 22 8.75 -6.49 0.26
C SER A 22 7.24 -6.63 0.37
N LYS A 23 6.73 -7.79 -0.03
CA LYS A 23 5.30 -8.07 0.02
C LYS A 23 4.77 -7.89 1.44
N SER A 24 5.47 -8.46 2.41
CA SER A 24 5.08 -8.36 3.81
C SER A 24 4.67 -6.93 4.17
N TYR A 25 5.52 -5.98 3.79
CA TYR A 25 5.25 -4.57 4.06
C TYR A 25 3.94 -4.12 3.43
N LEU A 26 3.77 -4.46 2.15
CA LEU A 26 2.55 -4.10 1.42
C LEU A 26 1.31 -4.56 2.16
N LEU A 27 1.34 -5.81 2.63
CA LEU A 27 0.21 -6.38 3.36
C LEU A 27 -0.15 -5.52 4.56
N VAL A 28 0.82 -5.31 5.45
CA VAL A 28 0.60 -4.51 6.65
C VAL A 28 0.02 -3.15 6.29
N HIS A 29 0.49 -2.58 5.18
CA HIS A 29 0.01 -1.28 4.73
C HIS A 29 -1.50 -1.32 4.47
N GLN A 30 -1.92 -2.25 3.63
CA GLN A 30 -3.34 -2.38 3.29
C GLN A 30 -4.21 -2.08 4.51
N GLN A 31 -3.70 -2.38 5.69
CA GLN A 31 -4.44 -2.15 6.93
C GLN A 31 -5.15 -0.79 6.90
N THR A 32 -4.39 0.26 6.60
CA THR A 32 -4.95 1.60 6.53
C THR A 32 -6.29 1.60 5.80
N HIS A 33 -6.35 0.85 4.70
CA HIS A 33 -7.58 0.76 3.91
C HIS A 33 -8.69 0.07 4.69
N ALA A 34 -8.32 -0.97 5.44
CA ALA A 34 -9.28 -1.71 6.23
C ALA A 34 -10.13 -0.78 7.09
N GLU A 35 -9.50 0.26 7.63
CA GLU A 35 -10.20 1.22 8.47
C GLU A 35 -10.78 2.35 7.63
N GLU A 36 -9.95 2.94 6.79
CA GLU A 36 -10.39 4.03 5.93
C GLU A 36 -11.09 3.50 4.68
N LYS A 37 -12.19 2.76 4.90
CA LYS A 37 -12.95 2.20 3.81
C LYS A 37 -14.34 2.84 3.72
N PRO A 38 -14.91 2.87 2.51
CA PRO A 38 -16.23 3.45 2.27
C PRO A 38 -17.35 2.61 2.87
N SER A 39 -17.69 2.91 4.12
CA SER A 39 -18.75 2.19 4.83
C SER A 39 -19.94 3.10 5.10
N GLY A 40 -21.12 2.50 5.18
CA GLY A 40 -22.32 3.27 5.43
C GLY A 40 -22.96 3.79 4.16
N PRO A 41 -24.17 4.37 4.29
CA PRO A 41 -24.90 4.92 3.15
C PRO A 41 -24.25 6.17 2.57
N SER A 42 -23.56 6.92 3.44
CA SER A 42 -22.89 8.15 3.03
C SER A 42 -21.45 8.17 3.51
N SER A 43 -20.61 8.94 2.83
CA SER A 43 -19.20 9.04 3.20
C SER A 43 -18.87 10.46 3.67
N GLY A 44 -19.17 11.44 2.83
CA GLY A 44 -18.90 12.82 3.17
C GLY A 44 -19.45 13.79 2.14
ZN ZN B . -3.03 0.90 -0.53
N GLY A 1 23.73 11.96 0.49
CA GLY A 1 23.88 10.52 0.62
C GLY A 1 23.87 9.81 -0.72
N SER A 2 23.21 8.66 -0.78
CA SER A 2 23.14 7.89 -2.01
C SER A 2 21.94 8.30 -2.84
N SER A 3 22.16 9.27 -3.73
CA SER A 3 21.09 9.77 -4.60
C SER A 3 20.38 8.62 -5.29
N GLY A 4 19.08 8.80 -5.55
CA GLY A 4 18.30 7.77 -6.20
C GLY A 4 18.19 6.51 -5.37
N SER A 5 18.86 5.45 -5.81
CA SER A 5 18.83 4.17 -5.10
C SER A 5 17.40 3.81 -4.70
N SER A 6 16.46 4.05 -5.61
CA SER A 6 15.05 3.75 -5.35
C SER A 6 14.35 3.29 -6.62
N GLY A 7 13.53 2.26 -6.50
CA GLY A 7 12.81 1.73 -7.64
C GLY A 7 12.87 0.22 -7.72
N GLU A 8 12.96 -0.43 -6.57
CA GLU A 8 13.03 -1.88 -6.51
C GLU A 8 11.81 -2.47 -5.80
N LYS A 9 10.65 -1.85 -6.05
CA LYS A 9 9.40 -2.31 -5.44
C LYS A 9 8.52 -2.99 -6.46
N PRO A 10 8.80 -4.28 -6.72
CA PRO A 10 8.03 -5.08 -7.68
C PRO A 10 6.62 -5.38 -7.19
N PHE A 11 6.26 -4.84 -6.02
CA PHE A 11 4.94 -5.05 -5.44
C PHE A 11 4.19 -3.73 -5.33
N GLY A 12 2.97 -3.72 -5.85
CA GLY A 12 2.16 -2.51 -5.80
C GLY A 12 0.76 -2.77 -5.29
N CYS A 13 0.36 -2.03 -4.26
CA CYS A 13 -0.97 -2.18 -3.68
C CYS A 13 -2.04 -2.28 -4.76
N SER A 14 -3.21 -2.80 -4.40
CA SER A 14 -4.30 -2.95 -5.34
C SER A 14 -5.28 -1.78 -5.22
N CYS A 15 -5.50 -1.31 -4.00
CA CYS A 15 -6.41 -0.20 -3.74
C CYS A 15 -5.78 1.12 -4.19
N CYS A 16 -4.51 1.31 -3.88
CA CYS A 16 -3.80 2.52 -4.25
C CYS A 16 -2.71 2.22 -5.27
N GLU A 17 -1.93 3.26 -5.61
CA GLU A 17 -0.84 3.10 -6.58
C GLU A 17 0.51 3.10 -5.88
N LYS A 18 0.52 2.63 -4.63
CA LYS A 18 1.76 2.58 -3.85
C LYS A 18 2.54 1.31 -4.16
N ALA A 19 3.77 1.24 -3.66
CA ALA A 19 4.62 0.07 -3.88
C ALA A 19 5.57 -0.14 -2.71
N PHE A 20 5.89 -1.40 -2.43
CA PHE A 20 6.79 -1.74 -1.34
C PHE A 20 7.84 -2.75 -1.79
N SER A 21 9.02 -2.68 -1.19
CA SER A 21 10.11 -3.58 -1.53
C SER A 21 9.64 -5.04 -1.50
N SER A 22 8.97 -5.41 -0.42
CA SER A 22 8.48 -6.77 -0.26
C SER A 22 6.95 -6.78 -0.08
N LYS A 23 6.35 -7.94 -0.25
CA LYS A 23 4.91 -8.09 -0.11
C LYS A 23 4.49 -7.91 1.34
N SER A 24 5.25 -8.49 2.26
CA SER A 24 4.95 -8.40 3.68
C SER A 24 4.64 -6.96 4.07
N TYR A 25 5.59 -6.07 3.84
CA TYR A 25 5.42 -4.66 4.17
C TYR A 25 4.16 -4.10 3.52
N LEU A 26 3.95 -4.44 2.25
CA LEU A 26 2.78 -3.97 1.52
C LEU A 26 1.49 -4.36 2.23
N LEU A 27 1.45 -5.61 2.70
CA LEU A 27 0.27 -6.11 3.41
C LEU A 27 -0.07 -5.23 4.60
N VAL A 28 0.88 -5.06 5.50
CA VAL A 28 0.69 -4.22 6.68
C VAL A 28 0.07 -2.87 6.31
N HIS A 29 0.48 -2.35 5.17
CA HIS A 29 -0.02 -1.06 4.69
C HIS A 29 -1.51 -1.14 4.39
N GLN A 30 -1.90 -2.15 3.61
CA GLN A 30 -3.29 -2.33 3.24
C GLN A 30 -4.21 -2.12 4.43
N GLN A 31 -3.74 -2.53 5.62
CA GLN A 31 -4.52 -2.38 6.84
C GLN A 31 -5.22 -1.03 6.88
N THR A 32 -4.53 0.01 6.39
CA THR A 32 -5.08 1.36 6.38
C THR A 32 -6.46 1.38 5.72
N HIS A 33 -6.57 0.69 4.59
CA HIS A 33 -7.84 0.62 3.86
C HIS A 33 -8.90 -0.10 4.68
N ALA A 34 -8.46 -0.84 5.69
CA ALA A 34 -9.38 -1.57 6.55
C ALA A 34 -9.80 -0.74 7.76
N GLU A 35 -9.51 0.55 7.70
CA GLU A 35 -9.86 1.45 8.79
C GLU A 35 -10.69 2.64 8.28
N GLU A 36 -10.12 3.38 7.34
CA GLU A 36 -10.82 4.53 6.77
C GLU A 36 -11.64 5.26 7.83
N LYS A 37 -11.17 5.20 9.07
CA LYS A 37 -11.87 5.84 10.19
C LYS A 37 -11.67 7.36 10.14
N PRO A 38 -12.64 8.09 10.70
CA PRO A 38 -12.59 9.57 10.75
C PRO A 38 -11.51 10.07 11.69
N SER A 39 -10.76 9.15 12.29
CA SER A 39 -9.69 9.52 13.21
C SER A 39 -9.02 10.82 12.79
N GLY A 40 -9.44 11.92 13.39
CA GLY A 40 -8.87 13.21 13.06
C GLY A 40 -8.33 13.94 14.28
N PRO A 41 -9.17 14.83 14.86
CA PRO A 41 -8.79 15.60 16.05
C PRO A 41 -8.68 14.73 17.30
N SER A 42 -7.57 14.87 18.01
CA SER A 42 -7.35 14.10 19.23
C SER A 42 -7.32 15.01 20.44
N SER A 43 -7.96 14.56 21.53
CA SER A 43 -8.03 15.33 22.75
C SER A 43 -6.71 16.07 23.00
N GLY A 44 -5.61 15.39 22.76
CA GLY A 44 -4.30 15.99 22.96
C GLY A 44 -4.12 17.26 22.15
ZN ZN B . -3.02 0.73 -0.50
N GLY A 1 13.46 12.36 -16.12
CA GLY A 1 14.59 12.33 -15.20
C GLY A 1 14.41 11.33 -14.08
N SER A 2 14.80 11.70 -12.87
CA SER A 2 14.68 10.82 -11.72
C SER A 2 13.32 10.12 -11.70
N SER A 3 13.29 8.87 -12.14
CA SER A 3 12.06 8.10 -12.16
C SER A 3 12.35 6.60 -12.05
N GLY A 4 11.30 5.83 -11.76
CA GLY A 4 11.46 4.40 -11.63
C GLY A 4 10.23 3.63 -12.07
N SER A 5 10.44 2.47 -12.68
CA SER A 5 9.33 1.65 -13.16
C SER A 5 9.19 0.39 -12.31
N SER A 6 8.38 0.50 -11.25
CA SER A 6 8.15 -0.62 -10.35
C SER A 6 9.43 -1.45 -10.18
N GLY A 7 10.55 -0.76 -10.05
CA GLY A 7 11.82 -1.45 -9.88
C GLY A 7 12.02 -1.96 -8.47
N GLU A 8 12.81 -1.25 -7.68
CA GLU A 8 13.09 -1.65 -6.30
C GLU A 8 11.84 -2.25 -5.66
N LYS A 9 10.70 -1.60 -5.86
CA LYS A 9 9.44 -2.06 -5.30
C LYS A 9 8.54 -2.66 -6.39
N PRO A 10 8.81 -3.91 -6.75
CA PRO A 10 8.04 -4.62 -7.78
C PRO A 10 6.62 -4.95 -7.33
N PHE A 11 6.32 -4.64 -6.07
CA PHE A 11 5.01 -4.89 -5.51
C PHE A 11 4.19 -3.61 -5.43
N GLY A 12 2.99 -3.64 -6.02
CA GLY A 12 2.12 -2.48 -6.00
C GLY A 12 0.76 -2.78 -5.43
N CYS A 13 0.36 -2.01 -4.41
CA CYS A 13 -0.93 -2.20 -3.76
C CYS A 13 -2.04 -2.32 -4.80
N SER A 14 -3.19 -2.82 -4.37
CA SER A 14 -4.34 -3.00 -5.25
C SER A 14 -5.31 -1.84 -5.11
N CYS A 15 -5.52 -1.40 -3.88
CA CYS A 15 -6.44 -0.30 -3.60
C CYS A 15 -5.87 1.02 -4.10
N CYS A 16 -4.59 1.25 -3.82
CA CYS A 16 -3.92 2.48 -4.23
C CYS A 16 -2.87 2.18 -5.30
N GLU A 17 -2.13 3.22 -5.69
CA GLU A 17 -1.10 3.08 -6.72
C GLU A 17 0.29 3.13 -6.10
N LYS A 18 0.39 2.74 -4.83
CA LYS A 18 1.66 2.74 -4.12
C LYS A 18 2.44 1.46 -4.40
N ALA A 19 3.68 1.40 -3.91
CA ALA A 19 4.53 0.24 -4.11
C ALA A 19 5.41 -0.02 -2.88
N PHE A 20 5.82 -1.26 -2.69
CA PHE A 20 6.66 -1.64 -1.57
C PHE A 20 7.74 -2.62 -2.00
N SER A 21 8.83 -2.67 -1.23
CA SER A 21 9.94 -3.55 -1.52
C SER A 21 9.52 -5.01 -1.39
N SER A 22 8.99 -5.36 -0.22
CA SER A 22 8.55 -6.73 0.05
C SER A 22 7.05 -6.77 0.29
N LYS A 23 6.46 -7.94 0.05
CA LYS A 23 5.02 -8.12 0.24
C LYS A 23 4.65 -7.87 1.70
N SER A 24 5.34 -8.53 2.61
CA SER A 24 5.08 -8.39 4.04
C SER A 24 4.68 -6.96 4.38
N TYR A 25 5.50 -6.01 3.92
CA TYR A 25 5.24 -4.59 4.17
C TYR A 25 3.94 -4.14 3.50
N LEU A 26 3.82 -4.46 2.21
CA LEU A 26 2.64 -4.08 1.44
C LEU A 26 1.37 -4.57 2.14
N LEU A 27 1.42 -5.77 2.70
CA LEU A 27 0.27 -6.34 3.39
C LEU A 27 -0.12 -5.48 4.58
N VAL A 28 0.86 -5.19 5.44
CA VAL A 28 0.61 -4.37 6.62
C VAL A 28 0.00 -3.02 6.25
N HIS A 29 0.51 -2.42 5.18
CA HIS A 29 0.01 -1.13 4.72
C HIS A 29 -1.47 -1.21 4.41
N GLN A 30 -1.88 -2.23 3.67
CA GLN A 30 -3.27 -2.42 3.29
C GLN A 30 -4.18 -2.21 4.49
N GLN A 31 -3.74 -2.68 5.66
CA GLN A 31 -4.52 -2.53 6.89
C GLN A 31 -5.15 -1.15 6.97
N THR A 32 -4.38 -0.13 6.60
CA THR A 32 -4.86 1.26 6.64
C THR A 32 -6.18 1.39 5.89
N HIS A 33 -6.29 0.71 4.75
CA HIS A 33 -7.50 0.75 3.95
C HIS A 33 -8.70 0.24 4.73
N ALA A 34 -8.48 -0.82 5.52
CA ALA A 34 -9.55 -1.41 6.32
C ALA A 34 -10.26 -0.34 7.16
N GLU A 35 -9.53 0.71 7.51
CA GLU A 35 -10.09 1.80 8.30
C GLU A 35 -10.87 2.78 7.43
N GLU A 36 -10.19 3.32 6.43
CA GLU A 36 -10.83 4.27 5.51
C GLU A 36 -12.18 3.76 5.05
N LYS A 37 -12.35 2.45 5.06
CA LYS A 37 -13.60 1.83 4.65
C LYS A 37 -14.20 2.57 3.46
N PRO A 38 -13.38 2.78 2.41
CA PRO A 38 -13.81 3.48 1.19
C PRO A 38 -14.79 2.65 0.37
N SER A 39 -14.55 1.34 0.31
CA SER A 39 -15.41 0.44 -0.45
C SER A 39 -15.09 -1.02 -0.13
N GLY A 40 -16.07 -1.72 0.43
CA GLY A 40 -15.88 -3.11 0.78
C GLY A 40 -17.19 -3.88 0.89
N PRO A 41 -17.17 -5.16 0.51
CA PRO A 41 -18.35 -6.02 0.57
C PRO A 41 -18.76 -6.35 1.99
N SER A 42 -17.79 -6.38 2.90
CA SER A 42 -18.05 -6.68 4.30
C SER A 42 -19.05 -5.70 4.89
N SER A 43 -19.57 -6.02 6.07
CA SER A 43 -20.54 -5.16 6.74
C SER A 43 -19.90 -3.84 7.14
N GLY A 44 -20.75 -2.84 7.44
CA GLY A 44 -20.26 -1.54 7.83
C GLY A 44 -19.23 -1.62 8.94
ZN ZN B . -2.92 0.70 -0.54
N GLY A 1 18.70 -2.41 -15.76
CA GLY A 1 18.87 -2.12 -17.17
C GLY A 1 18.33 -0.76 -17.56
N SER A 2 17.00 -0.65 -17.58
CA SER A 2 16.36 0.61 -17.95
C SER A 2 15.26 0.96 -16.94
N SER A 3 15.64 1.74 -15.93
CA SER A 3 14.70 2.16 -14.89
C SER A 3 15.13 3.48 -14.27
N GLY A 4 14.24 4.09 -13.50
CA GLY A 4 14.54 5.36 -12.86
C GLY A 4 15.44 5.20 -11.65
N SER A 5 15.38 6.16 -10.74
CA SER A 5 16.20 6.12 -9.53
C SER A 5 15.37 5.75 -8.31
N SER A 6 14.52 4.74 -8.47
CA SER A 6 13.65 4.29 -7.39
C SER A 6 13.69 2.78 -7.25
N GLY A 7 14.90 2.22 -7.27
CA GLY A 7 15.05 0.77 -7.15
C GLY A 7 13.97 0.02 -7.91
N GLU A 8 13.47 -1.05 -7.30
CA GLU A 8 12.45 -1.87 -7.93
C GLU A 8 11.39 -2.29 -6.91
N LYS A 9 10.12 -2.07 -7.26
CA LYS A 9 9.01 -2.42 -6.38
C LYS A 9 7.93 -3.20 -7.14
N PRO A 10 8.15 -4.51 -7.28
CA PRO A 10 7.20 -5.38 -7.99
C PRO A 10 5.90 -5.58 -7.22
N PHE A 11 5.78 -4.90 -6.08
CA PHE A 11 4.60 -5.00 -5.24
C PHE A 11 3.89 -3.65 -5.15
N GLY A 12 2.73 -3.54 -5.78
CA GLY A 12 1.98 -2.30 -5.75
C GLY A 12 0.58 -2.49 -5.22
N CYS A 13 0.16 -1.60 -4.32
CA CYS A 13 -1.17 -1.67 -3.73
C CYS A 13 -2.25 -1.56 -4.80
N SER A 14 -3.47 -1.98 -4.46
CA SER A 14 -4.58 -1.93 -5.39
C SER A 14 -5.45 -0.71 -5.13
N CYS A 15 -5.60 -0.35 -3.86
CA CYS A 15 -6.41 0.80 -3.47
C CYS A 15 -5.73 2.11 -3.90
N CYS A 16 -4.42 2.19 -3.67
CA CYS A 16 -3.66 3.38 -4.01
C CYS A 16 -2.59 3.06 -5.07
N GLU A 17 -1.77 4.05 -5.39
CA GLU A 17 -0.72 3.86 -6.37
C GLU A 17 0.64 3.73 -5.69
N LYS A 18 0.64 3.20 -4.47
CA LYS A 18 1.87 3.02 -3.70
C LYS A 18 2.58 1.75 -4.14
N ALA A 19 3.81 1.57 -3.65
CA ALA A 19 4.60 0.40 -3.98
C ALA A 19 5.59 0.06 -2.87
N PHE A 20 5.83 -1.23 -2.67
CA PHE A 20 6.76 -1.68 -1.63
C PHE A 20 7.74 -2.70 -2.18
N SER A 21 8.83 -2.93 -1.44
CA SER A 21 9.85 -3.87 -1.86
C SER A 21 9.49 -5.30 -1.45
N SER A 22 9.03 -5.44 -0.20
CA SER A 22 8.65 -6.74 0.32
C SER A 22 7.14 -6.85 0.47
N LYS A 23 6.59 -8.01 0.12
CA LYS A 23 5.15 -8.24 0.22
C LYS A 23 4.65 -7.96 1.62
N SER A 24 5.28 -8.59 2.61
CA SER A 24 4.89 -8.41 4.01
C SER A 24 4.57 -6.95 4.29
N TYR A 25 5.51 -6.07 3.97
CA TYR A 25 5.32 -4.64 4.19
C TYR A 25 4.03 -4.15 3.55
N LEU A 26 3.83 -4.51 2.29
CA LEU A 26 2.64 -4.11 1.55
C LEU A 26 1.37 -4.49 2.32
N LEU A 27 1.34 -5.74 2.78
CA LEU A 27 0.19 -6.23 3.53
C LEU A 27 -0.14 -5.32 4.71
N VAL A 28 0.83 -5.14 5.60
CA VAL A 28 0.65 -4.29 6.77
C VAL A 28 0.11 -2.92 6.36
N HIS A 29 0.49 -2.47 5.17
CA HIS A 29 0.05 -1.17 4.67
C HIS A 29 -1.43 -1.20 4.30
N GLN A 30 -1.79 -2.16 3.44
CA GLN A 30 -3.18 -2.30 3.00
C GLN A 30 -4.13 -2.21 4.19
N GLN A 31 -3.62 -2.47 5.39
CA GLN A 31 -4.43 -2.42 6.59
C GLN A 31 -5.09 -1.05 6.75
N THR A 32 -4.34 0.00 6.42
CA THR A 32 -4.85 1.36 6.52
C THR A 32 -6.11 1.54 5.69
N HIS A 33 -6.33 0.63 4.75
CA HIS A 33 -7.50 0.69 3.88
C HIS A 33 -8.67 -0.07 4.51
N ALA A 34 -8.37 -0.91 5.49
CA ALA A 34 -9.40 -1.69 6.17
C ALA A 34 -9.93 -0.96 7.39
N GLU A 35 -9.56 0.32 7.53
CA GLU A 35 -10.01 1.12 8.65
C GLU A 35 -10.86 2.29 8.19
N GLU A 36 -12.14 2.27 8.57
CA GLU A 36 -13.07 3.32 8.19
C GLU A 36 -13.77 3.90 9.41
N LYS A 37 -13.00 4.15 10.47
CA LYS A 37 -13.54 4.71 11.70
C LYS A 37 -12.72 5.90 12.16
N PRO A 38 -12.70 6.96 11.35
CA PRO A 38 -11.96 8.19 11.67
C PRO A 38 -12.58 8.96 12.82
N SER A 39 -11.80 9.89 13.39
CA SER A 39 -12.28 10.69 14.51
C SER A 39 -12.56 12.13 14.06
N GLY A 40 -13.78 12.36 13.59
CA GLY A 40 -14.15 13.68 13.14
C GLY A 40 -13.42 14.10 11.87
N PRO A 41 -13.54 15.38 11.52
CA PRO A 41 -12.90 15.94 10.32
C PRO A 41 -11.38 16.03 10.48
N SER A 42 -10.72 16.65 9.50
CA SER A 42 -9.27 16.79 9.53
C SER A 42 -8.59 15.45 9.79
N SER A 43 -9.09 14.40 9.14
CA SER A 43 -8.54 13.07 9.30
C SER A 43 -7.48 12.78 8.24
N GLY A 44 -7.78 13.17 7.01
CA GLY A 44 -6.84 12.94 5.92
C GLY A 44 -7.22 13.70 4.66
ZN ZN B . -2.81 1.32 -0.48
N GLY A 1 15.16 4.57 -18.33
CA GLY A 1 15.85 3.50 -17.64
C GLY A 1 16.35 3.92 -16.27
N SER A 2 17.31 3.18 -15.75
CA SER A 2 17.88 3.47 -14.43
C SER A 2 19.37 3.15 -14.39
N SER A 3 20.01 3.48 -13.28
CA SER A 3 21.44 3.22 -13.11
C SER A 3 21.70 2.45 -11.82
N GLY A 4 22.37 1.32 -11.94
CA GLY A 4 22.68 0.51 -10.78
C GLY A 4 21.48 0.34 -9.85
N SER A 5 20.76 -0.76 -10.03
CA SER A 5 19.59 -1.04 -9.20
C SER A 5 19.89 -0.82 -7.73
N SER A 6 18.91 -0.29 -7.00
CA SER A 6 19.07 -0.03 -5.57
C SER A 6 17.93 -0.64 -4.77
N GLY A 7 16.70 -0.33 -5.18
CA GLY A 7 15.54 -0.86 -4.48
C GLY A 7 14.38 -1.12 -5.41
N GLU A 8 14.11 -2.40 -5.69
CA GLU A 8 13.02 -2.77 -6.57
C GLU A 8 11.73 -2.99 -5.79
N LYS A 9 10.65 -2.38 -6.25
CA LYS A 9 9.35 -2.50 -5.60
C LYS A 9 8.32 -3.12 -6.54
N PRO A 10 8.52 -4.40 -6.87
CA PRO A 10 7.62 -5.13 -7.77
C PRO A 10 6.27 -5.41 -7.12
N PHE A 11 6.08 -4.91 -5.90
CA PHE A 11 4.83 -5.11 -5.18
C PHE A 11 4.08 -3.79 -5.04
N GLY A 12 3.09 -3.58 -5.91
CA GLY A 12 2.31 -2.36 -5.86
C GLY A 12 0.89 -2.59 -5.37
N CYS A 13 0.48 -1.82 -4.37
CA CYS A 13 -0.85 -1.95 -3.80
C CYS A 13 -1.91 -1.87 -4.89
N SER A 14 -2.83 -2.83 -4.88
CA SER A 14 -3.91 -2.87 -5.87
C SER A 14 -5.02 -1.90 -5.50
N CYS A 15 -4.82 -1.15 -4.43
CA CYS A 15 -5.80 -0.18 -3.97
C CYS A 15 -5.34 1.24 -4.23
N CYS A 16 -4.06 1.50 -3.94
CA CYS A 16 -3.49 2.84 -4.13
C CYS A 16 -2.32 2.77 -5.11
N GLU A 17 -1.67 3.92 -5.32
CA GLU A 17 -0.53 3.99 -6.23
C GLU A 17 0.79 3.82 -5.47
N LYS A 18 0.72 3.11 -4.34
CA LYS A 18 1.90 2.87 -3.52
C LYS A 18 2.49 1.48 -3.80
N ALA A 19 3.71 1.25 -3.34
CA ALA A 19 4.38 -0.02 -3.53
C ALA A 19 5.34 -0.32 -2.39
N PHE A 20 5.90 -1.52 -2.38
CA PHE A 20 6.84 -1.93 -1.35
C PHE A 20 7.81 -2.99 -1.87
N SER A 21 8.99 -3.05 -1.27
CA SER A 21 10.01 -4.01 -1.67
C SER A 21 9.43 -5.41 -1.74
N SER A 22 8.70 -5.80 -0.69
CA SER A 22 8.09 -7.13 -0.63
C SER A 22 6.62 -7.04 -0.25
N LYS A 23 5.88 -8.10 -0.50
CA LYS A 23 4.46 -8.15 -0.18
C LYS A 23 4.22 -7.83 1.29
N SER A 24 5.01 -8.45 2.16
CA SER A 24 4.88 -8.23 3.59
C SER A 24 4.64 -6.75 3.90
N TYR A 25 5.63 -5.93 3.62
CA TYR A 25 5.54 -4.50 3.87
C TYR A 25 4.24 -3.93 3.28
N LEU A 26 3.88 -4.41 2.09
CA LEU A 26 2.66 -3.95 1.43
C LEU A 26 1.42 -4.37 2.21
N LEU A 27 1.49 -5.55 2.83
CA LEU A 27 0.37 -6.05 3.61
C LEU A 27 0.08 -5.14 4.80
N VAL A 28 1.07 -4.96 5.66
CA VAL A 28 0.91 -4.10 6.84
C VAL A 28 0.25 -2.78 6.46
N HIS A 29 0.58 -2.27 5.28
CA HIS A 29 0.01 -1.01 4.81
C HIS A 29 -1.47 -1.16 4.49
N GLN A 30 -1.81 -2.21 3.73
CA GLN A 30 -3.19 -2.46 3.36
C GLN A 30 -4.13 -2.15 4.52
N GLN A 31 -3.70 -2.48 5.73
CA GLN A 31 -4.51 -2.23 6.92
C GLN A 31 -5.23 -0.88 6.82
N THR A 32 -4.46 0.16 6.47
CA THR A 32 -5.02 1.50 6.34
C THR A 32 -6.37 1.47 5.62
N HIS A 33 -6.45 0.65 4.58
CA HIS A 33 -7.68 0.52 3.81
C HIS A 33 -8.76 -0.21 4.60
N ALA A 34 -8.34 -1.20 5.38
CA ALA A 34 -9.27 -1.98 6.19
C ALA A 34 -10.01 -1.09 7.19
N GLU A 35 -9.34 -0.04 7.64
CA GLU A 35 -9.92 0.89 8.60
C GLU A 35 -10.23 2.23 7.93
N GLU A 36 -11.10 3.01 8.57
CA GLU A 36 -11.47 4.32 8.05
C GLU A 36 -12.06 4.19 6.65
N LYS A 37 -12.62 3.02 6.35
CA LYS A 37 -13.23 2.77 5.04
C LYS A 37 -14.64 2.22 5.19
N PRO A 38 -15.61 3.13 5.42
CA PRO A 38 -17.01 2.76 5.58
C PRO A 38 -17.64 2.27 4.28
N SER A 39 -18.30 1.12 4.35
CA SER A 39 -18.94 0.54 3.17
C SER A 39 -20.39 0.20 3.46
N GLY A 40 -21.31 0.89 2.79
CA GLY A 40 -22.73 0.65 2.99
C GLY A 40 -23.23 -0.54 2.19
N PRO A 41 -24.20 -1.26 2.76
CA PRO A 41 -24.79 -2.44 2.11
C PRO A 41 -25.63 -2.08 0.89
N SER A 42 -26.38 -0.98 1.02
CA SER A 42 -27.24 -0.52 -0.07
C SER A 42 -26.54 0.57 -0.88
N SER A 43 -26.03 1.58 -0.20
CA SER A 43 -25.34 2.69 -0.85
C SER A 43 -23.89 2.32 -1.15
N GLY A 44 -23.67 1.10 -1.61
CA GLY A 44 -22.32 0.65 -1.92
C GLY A 44 -22.29 -0.26 -3.14
ZN ZN B . -2.93 0.82 -0.44
N GLY A 1 10.26 5.16 -9.84
CA GLY A 1 9.20 6.11 -9.58
C GLY A 1 8.31 6.35 -10.78
N SER A 2 7.39 7.30 -10.66
CA SER A 2 6.46 7.61 -11.74
C SER A 2 7.15 7.47 -13.10
N SER A 3 8.33 8.07 -13.22
CA SER A 3 9.10 8.01 -14.47
C SER A 3 10.59 8.08 -14.20
N GLY A 4 11.28 6.98 -14.48
CA GLY A 4 12.71 6.92 -14.26
C GLY A 4 13.06 6.63 -12.81
N SER A 5 14.36 6.67 -12.50
CA SER A 5 14.83 6.40 -11.15
C SER A 5 13.96 5.34 -10.47
N SER A 6 13.61 4.30 -11.23
CA SER A 6 12.78 3.22 -10.71
C SER A 6 13.51 2.46 -9.60
N GLY A 7 12.76 2.00 -8.61
CA GLY A 7 13.35 1.27 -7.50
C GLY A 7 13.18 -0.23 -7.66
N GLU A 8 13.36 -0.96 -6.56
CA GLU A 8 13.23 -2.41 -6.58
C GLU A 8 11.96 -2.85 -5.84
N LYS A 9 10.87 -2.13 -6.08
CA LYS A 9 9.59 -2.43 -5.44
C LYS A 9 8.51 -2.73 -6.49
N PRO A 10 8.60 -3.91 -7.11
CA PRO A 10 7.65 -4.33 -8.14
C PRO A 10 6.26 -4.63 -7.56
N PHE A 11 6.18 -4.64 -6.24
CA PHE A 11 4.92 -4.90 -5.55
C PHE A 11 4.10 -3.63 -5.39
N GLY A 12 3.01 -3.53 -6.15
CA GLY A 12 2.15 -2.37 -6.08
C GLY A 12 0.77 -2.68 -5.58
N CYS A 13 0.29 -1.89 -4.62
CA CYS A 13 -1.04 -2.11 -4.05
C CYS A 13 -2.11 -2.08 -5.14
N SER A 14 -3.28 -2.60 -4.81
CA SER A 14 -4.39 -2.65 -5.76
C SER A 14 -5.33 -1.46 -5.56
N CYS A 15 -5.58 -1.12 -4.29
CA CYS A 15 -6.46 0.00 -3.96
C CYS A 15 -5.81 1.33 -4.30
N CYS A 16 -4.52 1.45 -4.00
CA CYS A 16 -3.77 2.67 -4.28
C CYS A 16 -2.66 2.41 -5.29
N GLU A 17 -1.87 3.45 -5.57
CA GLU A 17 -0.77 3.34 -6.52
C GLU A 17 0.56 3.27 -5.79
N LYS A 18 0.54 2.80 -4.55
CA LYS A 18 1.75 2.68 -3.74
C LYS A 18 2.48 1.38 -4.04
N ALA A 19 3.79 1.38 -3.82
CA ALA A 19 4.61 0.20 -4.07
C ALA A 19 5.58 -0.04 -2.92
N PHE A 20 5.89 -1.31 -2.66
CA PHE A 20 6.80 -1.67 -1.59
C PHE A 20 7.84 -2.68 -2.08
N SER A 21 9.01 -2.67 -1.45
CA SER A 21 10.09 -3.59 -1.83
C SER A 21 9.73 -5.02 -1.46
N SER A 22 9.19 -5.20 -0.26
CA SER A 22 8.80 -6.52 0.21
C SER A 22 7.28 -6.67 0.25
N LYS A 23 6.82 -7.91 0.36
CA LYS A 23 5.39 -8.19 0.41
C LYS A 23 4.82 -7.85 1.79
N SER A 24 5.44 -8.42 2.83
CA SER A 24 4.99 -8.18 4.20
C SER A 24 4.63 -6.71 4.42
N TYR A 25 5.49 -5.82 3.93
CA TYR A 25 5.26 -4.39 4.08
C TYR A 25 3.97 -3.97 3.38
N LEU A 26 3.79 -4.45 2.15
CA LEU A 26 2.60 -4.13 1.37
C LEU A 26 1.34 -4.61 2.09
N LEU A 27 1.38 -5.85 2.56
CA LEU A 27 0.24 -6.44 3.26
C LEU A 27 -0.16 -5.57 4.45
N VAL A 28 0.78 -5.36 5.37
CA VAL A 28 0.53 -4.55 6.56
C VAL A 28 -0.07 -3.19 6.18
N HIS A 29 0.41 -2.62 5.09
CA HIS A 29 -0.08 -1.33 4.62
C HIS A 29 -1.58 -1.39 4.35
N GLN A 30 -2.00 -2.37 3.56
CA GLN A 30 -3.41 -2.53 3.23
C GLN A 30 -4.29 -2.31 4.44
N GLN A 31 -3.81 -2.76 5.60
CA GLN A 31 -4.56 -2.62 6.84
C GLN A 31 -5.16 -1.22 6.96
N THR A 32 -4.38 -0.21 6.58
CA THR A 32 -4.83 1.17 6.64
C THR A 32 -6.16 1.35 5.93
N HIS A 33 -6.31 0.67 4.79
CA HIS A 33 -7.55 0.76 4.01
C HIS A 33 -8.74 0.27 4.83
N ALA A 34 -8.47 -0.52 5.86
CA ALA A 34 -9.52 -1.04 6.73
C ALA A 34 -10.38 0.09 7.28
N GLU A 35 -9.77 1.24 7.51
CA GLU A 35 -10.49 2.39 8.04
C GLU A 35 -11.44 2.96 6.99
N GLU A 36 -11.01 2.93 5.73
CA GLU A 36 -11.81 3.46 4.64
C GLU A 36 -12.83 2.42 4.16
N LYS A 37 -13.40 1.70 5.12
CA LYS A 37 -14.40 0.68 4.81
C LYS A 37 -15.63 0.82 5.70
N PRO A 38 -16.82 0.62 5.10
CA PRO A 38 -18.09 0.73 5.83
C PRO A 38 -18.28 -0.41 6.83
N SER A 39 -17.35 -1.35 6.83
CA SER A 39 -17.41 -2.49 7.74
C SER A 39 -17.30 -2.04 9.19
N GLY A 40 -16.22 -1.33 9.51
CA GLY A 40 -16.01 -0.84 10.86
C GLY A 40 -16.99 0.25 11.24
N PRO A 41 -17.37 0.28 12.53
CA PRO A 41 -18.32 1.28 13.05
C PRO A 41 -17.72 2.67 13.09
N SER A 42 -16.44 2.75 13.43
CA SER A 42 -15.75 4.03 13.51
C SER A 42 -15.48 4.60 12.12
N SER A 43 -16.01 5.79 11.86
CA SER A 43 -15.84 6.44 10.57
C SER A 43 -14.78 7.54 10.64
N GLY A 44 -13.51 7.13 10.58
CA GLY A 44 -12.42 8.08 10.65
C GLY A 44 -11.09 7.41 10.90
ZN ZN B . -3.01 0.57 -0.71
N GLY A 1 27.00 -0.84 -9.26
CA GLY A 1 26.45 -0.01 -10.31
C GLY A 1 26.55 -0.66 -11.68
N SER A 2 26.06 -1.90 -11.79
CA SER A 2 26.11 -2.63 -13.04
C SER A 2 24.77 -2.54 -13.77
N SER A 3 23.69 -2.73 -13.04
CA SER A 3 22.35 -2.67 -13.61
C SER A 3 21.33 -2.19 -12.58
N GLY A 4 20.55 -1.19 -12.96
CA GLY A 4 19.55 -0.65 -12.05
C GLY A 4 20.04 -0.55 -10.62
N SER A 5 19.55 -1.44 -9.76
CA SER A 5 19.94 -1.44 -8.36
C SER A 5 19.54 -2.75 -7.68
N SER A 6 20.04 -2.95 -6.47
CA SER A 6 19.73 -4.17 -5.72
C SER A 6 18.62 -3.91 -4.69
N GLY A 7 17.38 -3.91 -5.17
CA GLY A 7 16.25 -3.68 -4.28
C GLY A 7 15.09 -3.02 -5.00
N GLU A 8 14.46 -3.75 -5.90
CA GLU A 8 13.33 -3.23 -6.66
C GLU A 8 12.01 -3.51 -5.92
N LYS A 9 11.00 -2.69 -6.21
CA LYS A 9 9.69 -2.85 -5.59
C LYS A 9 8.60 -3.00 -6.63
N PRO A 10 8.58 -4.17 -7.31
CA PRO A 10 7.59 -4.48 -8.35
C PRO A 10 6.19 -4.66 -7.77
N PHE A 11 6.10 -4.69 -6.44
CA PHE A 11 4.81 -4.88 -5.77
C PHE A 11 4.08 -3.54 -5.63
N GLY A 12 2.82 -3.52 -6.08
CA GLY A 12 2.04 -2.31 -5.99
C GLY A 12 0.66 -2.54 -5.40
N CYS A 13 0.33 -1.81 -4.34
CA CYS A 13 -0.96 -1.95 -3.68
C CYS A 13 -2.09 -2.02 -4.72
N SER A 14 -3.29 -2.37 -4.24
CA SER A 14 -4.44 -2.48 -5.12
C SER A 14 -5.33 -1.24 -5.01
N CYS A 15 -5.57 -0.80 -3.77
CA CYS A 15 -6.41 0.37 -3.53
C CYS A 15 -5.70 1.64 -3.97
N CYS A 16 -4.41 1.73 -3.66
CA CYS A 16 -3.61 2.90 -4.01
C CYS A 16 -2.54 2.53 -5.04
N GLU A 17 -1.72 3.51 -5.40
CA GLU A 17 -0.64 3.29 -6.36
C GLU A 17 0.71 3.17 -5.66
N LYS A 18 0.68 2.73 -4.41
CA LYS A 18 1.90 2.57 -3.64
C LYS A 18 2.56 1.22 -3.92
N ALA A 19 3.84 1.11 -3.57
CA ALA A 19 4.58 -0.13 -3.79
C ALA A 19 5.52 -0.42 -2.62
N PHE A 20 5.92 -1.68 -2.49
CA PHE A 20 6.81 -2.09 -1.40
C PHE A 20 7.73 -3.22 -1.86
N SER A 21 9.02 -3.07 -1.57
CA SER A 21 10.01 -4.08 -1.96
C SER A 21 9.63 -5.44 -1.41
N SER A 22 9.12 -5.47 -0.19
CA SER A 22 8.72 -6.71 0.46
C SER A 22 7.20 -6.78 0.61
N LYS A 23 6.62 -7.91 0.20
CA LYS A 23 5.17 -8.10 0.29
C LYS A 23 4.68 -7.78 1.69
N SER A 24 5.32 -8.37 2.69
CA SER A 24 4.93 -8.16 4.09
C SER A 24 4.57 -6.70 4.32
N TYR A 25 5.48 -5.80 3.95
CA TYR A 25 5.26 -4.36 4.12
C TYR A 25 3.97 -3.92 3.44
N LEU A 26 3.86 -4.25 2.15
CA LEU A 26 2.68 -3.88 1.38
C LEU A 26 1.41 -4.36 2.07
N LEU A 27 1.43 -5.59 2.56
CA LEU A 27 0.28 -6.17 3.25
C LEU A 27 -0.09 -5.34 4.47
N VAL A 28 0.85 -5.18 5.39
CA VAL A 28 0.63 -4.42 6.60
C VAL A 28 0.06 -3.04 6.28
N HIS A 29 0.50 -2.47 5.16
CA HIS A 29 0.04 -1.16 4.73
C HIS A 29 -1.45 -1.18 4.41
N GLN A 30 -1.87 -2.15 3.61
CA GLN A 30 -3.27 -2.28 3.22
C GLN A 30 -4.18 -2.12 4.43
N GLN A 31 -3.75 -2.66 5.57
CA GLN A 31 -4.52 -2.58 6.80
C GLN A 31 -5.16 -1.20 6.95
N THR A 32 -4.40 -0.16 6.60
CA THR A 32 -4.89 1.21 6.70
C THR A 32 -6.24 1.36 6.01
N HIS A 33 -6.36 0.77 4.82
CA HIS A 33 -7.59 0.84 4.06
C HIS A 33 -8.74 0.19 4.81
N ALA A 34 -8.45 -0.93 5.46
CA ALA A 34 -9.46 -1.65 6.23
C ALA A 34 -10.19 -0.73 7.19
N GLU A 35 -9.45 0.20 7.79
CA GLU A 35 -10.03 1.14 8.74
C GLU A 35 -11.10 2.00 8.06
N GLU A 36 -11.71 2.88 8.83
CA GLU A 36 -12.75 3.77 8.31
C GLU A 36 -13.93 2.96 7.76
N LYS A 37 -14.16 1.80 8.35
CA LYS A 37 -15.25 0.94 7.93
C LYS A 37 -16.43 1.03 8.90
N PRO A 38 -17.66 1.03 8.35
CA PRO A 38 -18.88 1.11 9.15
C PRO A 38 -19.13 -0.16 9.95
N SER A 39 -18.76 -0.14 11.23
CA SER A 39 -18.95 -1.29 12.09
C SER A 39 -19.88 -0.94 13.26
N GLY A 40 -21.14 -1.31 13.12
CA GLY A 40 -22.12 -1.02 14.15
C GLY A 40 -21.66 -1.50 15.52
N PRO A 41 -21.95 -2.77 15.83
CA PRO A 41 -21.58 -3.39 17.11
C PRO A 41 -20.07 -3.59 17.23
N SER A 42 -19.54 -3.33 18.43
CA SER A 42 -18.11 -3.49 18.68
C SER A 42 -17.84 -4.67 19.59
N SER A 43 -16.88 -5.51 19.20
CA SER A 43 -16.53 -6.70 19.98
C SER A 43 -15.80 -6.30 21.26
N GLY A 44 -14.78 -5.46 21.13
CA GLY A 44 -14.02 -5.02 22.28
C GLY A 44 -13.58 -3.57 22.17
ZN ZN B . -2.70 0.95 -0.40
N GLY A 1 25.77 9.30 -6.74
CA GLY A 1 25.40 10.48 -7.50
C GLY A 1 25.17 10.17 -8.98
N SER A 2 23.91 10.18 -9.39
CA SER A 2 23.56 9.89 -10.77
C SER A 2 24.07 8.51 -11.20
N SER A 3 23.92 7.54 -10.30
CA SER A 3 24.37 6.18 -10.58
C SER A 3 23.24 5.18 -10.41
N GLY A 4 22.43 5.02 -11.45
CA GLY A 4 21.31 4.10 -11.39
C GLY A 4 20.30 4.48 -10.32
N SER A 5 19.02 4.25 -10.61
CA SER A 5 17.96 4.57 -9.66
C SER A 5 17.54 3.33 -8.87
N SER A 6 17.87 3.32 -7.59
CA SER A 6 17.53 2.19 -6.73
C SER A 6 16.09 2.30 -6.23
N GLY A 7 15.35 1.20 -6.31
CA GLY A 7 13.98 1.19 -5.85
C GLY A 7 13.12 0.21 -6.62
N GLU A 8 13.41 -1.08 -6.47
CA GLU A 8 12.66 -2.11 -7.16
C GLU A 8 11.52 -2.64 -6.29
N LYS A 9 10.32 -2.14 -6.52
CA LYS A 9 9.16 -2.55 -5.76
C LYS A 9 8.11 -3.19 -6.66
N PRO A 10 8.28 -4.48 -6.96
CA PRO A 10 7.36 -5.24 -7.81
C PRO A 10 6.01 -5.47 -7.15
N PHE A 11 5.84 -4.93 -5.95
CA PHE A 11 4.60 -5.07 -5.21
C PHE A 11 3.85 -3.74 -5.12
N GLY A 12 2.81 -3.60 -5.93
CA GLY A 12 2.03 -2.37 -5.93
C GLY A 12 0.67 -2.55 -5.29
N CYS A 13 0.27 -1.59 -4.48
CA CYS A 13 -1.02 -1.63 -3.80
C CYS A 13 -2.16 -1.45 -4.79
N SER A 14 -3.34 -1.98 -4.44
CA SER A 14 -4.51 -1.87 -5.30
C SER A 14 -5.38 -0.69 -4.89
N CYS A 15 -5.40 -0.41 -3.59
CA CYS A 15 -6.20 0.69 -3.07
C CYS A 15 -5.58 2.03 -3.43
N CYS A 16 -4.26 2.12 -3.29
CA CYS A 16 -3.54 3.34 -3.60
C CYS A 16 -2.54 3.12 -4.73
N GLU A 17 -1.78 4.16 -5.05
CA GLU A 17 -0.77 4.07 -6.11
C GLU A 17 0.64 3.91 -5.53
N LYS A 18 0.71 3.31 -4.34
CA LYS A 18 1.99 3.10 -3.68
C LYS A 18 2.52 1.71 -3.97
N ALA A 19 3.84 1.55 -3.85
CA ALA A 19 4.48 0.26 -4.09
C ALA A 19 5.58 -0.01 -3.07
N PHE A 20 5.73 -1.28 -2.70
CA PHE A 20 6.75 -1.67 -1.73
C PHE A 20 7.63 -2.77 -2.29
N SER A 21 8.79 -2.96 -1.66
CA SER A 21 9.74 -3.99 -2.10
C SER A 21 9.37 -5.34 -1.53
N SER A 22 9.01 -5.37 -0.25
CA SER A 22 8.64 -6.61 0.41
C SER A 22 7.12 -6.71 0.56
N LYS A 23 6.56 -7.84 0.16
CA LYS A 23 5.12 -8.06 0.25
C LYS A 23 4.64 -7.89 1.69
N SER A 24 5.33 -8.51 2.62
CA SER A 24 4.97 -8.42 4.03
C SER A 24 4.65 -6.98 4.43
N TYR A 25 5.52 -6.06 4.01
CA TYR A 25 5.34 -4.65 4.31
C TYR A 25 4.04 -4.12 3.71
N LEU A 26 3.85 -4.38 2.42
CA LEU A 26 2.66 -3.94 1.71
C LEU A 26 1.39 -4.42 2.42
N LEU A 27 1.35 -5.70 2.71
CA LEU A 27 0.20 -6.29 3.39
C LEU A 27 -0.21 -5.45 4.59
N VAL A 28 0.75 -5.17 5.47
CA VAL A 28 0.49 -4.37 6.66
C VAL A 28 0.01 -2.98 6.30
N HIS A 29 0.59 -2.41 5.24
CA HIS A 29 0.22 -1.08 4.79
C HIS A 29 -1.25 -1.05 4.35
N GLN A 30 -1.63 -2.00 3.51
CA GLN A 30 -3.00 -2.08 3.01
C GLN A 30 -4.00 -2.01 4.16
N GLN A 31 -3.70 -2.72 5.25
CA GLN A 31 -4.58 -2.73 6.41
C GLN A 31 -5.17 -1.35 6.66
N THR A 32 -4.36 -0.31 6.47
CA THR A 32 -4.80 1.06 6.67
C THR A 32 -6.18 1.28 6.06
N HIS A 33 -6.34 0.88 4.81
CA HIS A 33 -7.61 1.04 4.11
C HIS A 33 -8.72 0.29 4.84
N ALA A 34 -8.40 -0.90 5.34
CA ALA A 34 -9.38 -1.71 6.06
C ALA A 34 -10.07 -0.91 7.16
N GLU A 35 -9.28 -0.07 7.85
CA GLU A 35 -9.81 0.75 8.93
C GLU A 35 -9.75 2.23 8.57
N GLU A 36 -10.27 3.06 9.46
CA GLU A 36 -10.28 4.51 9.23
C GLU A 36 -11.22 4.87 8.08
N LYS A 37 -12.39 4.25 8.06
CA LYS A 37 -13.38 4.51 7.03
C LYS A 37 -14.56 5.30 7.58
N PRO A 38 -15.06 6.26 6.78
CA PRO A 38 -16.19 7.10 7.17
C PRO A 38 -17.51 6.33 7.23
N SER A 39 -18.36 6.71 8.17
CA SER A 39 -19.65 6.05 8.34
C SER A 39 -20.55 6.30 7.13
N GLY A 40 -20.97 5.21 6.47
CA GLY A 40 -21.83 5.34 5.31
C GLY A 40 -23.18 4.69 5.52
N PRO A 41 -24.22 5.28 4.92
CA PRO A 41 -25.59 4.77 5.03
C PRO A 41 -25.78 3.46 4.28
N SER A 42 -26.41 2.48 4.94
CA SER A 42 -26.65 1.18 4.34
C SER A 42 -25.44 0.73 3.51
N SER A 43 -24.25 0.95 4.05
CA SER A 43 -23.02 0.58 3.37
C SER A 43 -22.97 -0.93 3.12
N GLY A 44 -21.97 -1.36 2.36
CA GLY A 44 -21.83 -2.78 2.06
C GLY A 44 -21.26 -3.56 3.22
ZN ZN B . -2.57 1.16 -0.21
N GLY A 1 26.25 6.00 -7.92
CA GLY A 1 25.20 6.41 -7.01
C GLY A 1 24.01 5.47 -7.05
N SER A 2 22.83 6.00 -6.75
CA SER A 2 21.61 5.21 -6.74
C SER A 2 20.88 5.31 -8.07
N SER A 3 21.64 5.26 -9.16
CA SER A 3 21.07 5.37 -10.50
C SER A 3 21.02 4.00 -11.18
N GLY A 4 19.84 3.40 -11.19
CA GLY A 4 19.67 2.09 -11.80
C GLY A 4 19.28 1.02 -10.79
N SER A 5 20.09 0.88 -9.74
CA SER A 5 19.84 -0.12 -8.71
C SER A 5 19.57 0.56 -7.36
N SER A 6 18.37 1.10 -7.21
CA SER A 6 17.99 1.77 -5.97
C SER A 6 16.77 1.10 -5.34
N GLY A 7 15.73 0.88 -6.15
CA GLY A 7 14.53 0.25 -5.65
C GLY A 7 13.87 -0.63 -6.69
N GLU A 8 13.22 -1.70 -6.22
CA GLU A 8 12.55 -2.62 -7.13
C GLU A 8 11.04 -2.48 -7.02
N LYS A 9 10.54 -2.37 -5.80
CA LYS A 9 9.10 -2.21 -5.56
C LYS A 9 8.30 -3.09 -6.51
N PRO A 10 8.62 -4.39 -6.53
CA PRO A 10 7.92 -5.36 -7.39
C PRO A 10 6.49 -5.61 -6.96
N PHE A 11 6.09 -4.97 -5.87
CA PHE A 11 4.74 -5.12 -5.34
C PHE A 11 4.04 -3.78 -5.24
N GLY A 12 2.81 -3.71 -5.77
CA GLY A 12 2.06 -2.47 -5.73
C GLY A 12 0.65 -2.66 -5.18
N CYS A 13 0.20 -1.71 -4.37
CA CYS A 13 -1.13 -1.79 -3.78
C CYS A 13 -2.21 -1.64 -4.86
N SER A 14 -3.37 -2.22 -4.61
CA SER A 14 -4.48 -2.16 -5.56
C SER A 14 -5.39 -0.96 -5.25
N CYS A 15 -5.56 -0.68 -3.96
CA CYS A 15 -6.41 0.43 -3.53
C CYS A 15 -5.76 1.77 -3.88
N CYS A 16 -4.47 1.88 -3.60
CA CYS A 16 -3.73 3.12 -3.88
C CYS A 16 -2.69 2.89 -4.98
N GLU A 17 -1.92 3.93 -5.28
CA GLU A 17 -0.90 3.85 -6.32
C GLU A 17 0.50 3.75 -5.70
N LYS A 18 0.57 3.18 -4.50
CA LYS A 18 1.83 3.04 -3.80
C LYS A 18 2.41 1.65 -4.02
N ALA A 19 3.71 1.49 -3.71
CA ALA A 19 4.38 0.21 -3.88
C ALA A 19 5.38 -0.03 -2.75
N PHE A 20 5.76 -1.29 -2.57
CA PHE A 20 6.72 -1.65 -1.53
C PHE A 20 7.70 -2.70 -2.03
N SER A 21 8.88 -2.73 -1.41
CA SER A 21 9.92 -3.69 -1.79
C SER A 21 9.58 -5.09 -1.30
N SER A 22 9.15 -5.18 -0.04
CA SER A 22 8.79 -6.46 0.55
C SER A 22 7.27 -6.64 0.60
N LYS A 23 6.82 -7.83 0.23
CA LYS A 23 5.39 -8.13 0.24
C LYS A 23 4.79 -7.93 1.63
N SER A 24 5.45 -8.47 2.64
CA SER A 24 4.99 -8.34 4.02
C SER A 24 4.60 -6.90 4.33
N TYR A 25 5.46 -5.97 3.94
CA TYR A 25 5.22 -4.55 4.17
C TYR A 25 3.93 -4.10 3.49
N LEU A 26 3.82 -4.38 2.20
CA LEU A 26 2.65 -4.01 1.43
C LEU A 26 1.37 -4.49 2.10
N LEU A 27 1.39 -5.74 2.55
CA LEU A 27 0.23 -6.33 3.23
C LEU A 27 -0.18 -5.49 4.44
N VAL A 28 0.77 -5.27 5.34
CA VAL A 28 0.51 -4.49 6.56
C VAL A 28 -0.02 -3.11 6.20
N HIS A 29 0.53 -2.52 5.14
CA HIS A 29 0.11 -1.20 4.70
C HIS A 29 -1.38 -1.19 4.34
N GLN A 30 -1.77 -2.11 3.47
CA GLN A 30 -3.16 -2.21 3.04
C GLN A 30 -4.11 -2.01 4.22
N GLN A 31 -3.77 -2.63 5.36
CA GLN A 31 -4.59 -2.52 6.55
C GLN A 31 -5.17 -1.12 6.70
N THR A 32 -4.35 -0.11 6.42
CA THR A 32 -4.78 1.28 6.51
C THR A 32 -6.20 1.45 5.99
N HIS A 33 -6.43 0.98 4.76
CA HIS A 33 -7.74 1.09 4.14
C HIS A 33 -8.79 0.33 4.95
N ALA A 34 -8.41 -0.83 5.46
CA ALA A 34 -9.31 -1.66 6.26
C ALA A 34 -9.79 -0.91 7.50
N GLU A 35 -8.96 0.02 7.97
CA GLU A 35 -9.30 0.80 9.16
C GLU A 35 -10.71 1.38 9.04
N GLU A 36 -11.08 1.78 7.83
CA GLU A 36 -12.39 2.35 7.59
C GLU A 36 -13.50 1.37 7.97
N LYS A 37 -13.20 0.08 7.84
CA LYS A 37 -14.15 -0.97 8.17
C LYS A 37 -15.37 -0.90 7.25
N PRO A 38 -15.11 -0.90 5.94
CA PRO A 38 -16.17 -0.84 4.93
C PRO A 38 -16.98 -2.13 4.86
N SER A 39 -16.36 -3.23 5.28
CA SER A 39 -17.02 -4.52 5.26
C SER A 39 -16.71 -5.32 6.53
N GLY A 40 -17.74 -5.83 7.18
CA GLY A 40 -17.55 -6.59 8.40
C GLY A 40 -16.79 -7.88 8.16
N PRO A 41 -17.52 -8.98 7.96
CA PRO A 41 -16.93 -10.30 7.72
C PRO A 41 -16.27 -10.39 6.36
N SER A 42 -15.52 -11.47 6.13
CA SER A 42 -14.82 -11.67 4.87
C SER A 42 -13.83 -10.56 4.61
N SER A 43 -13.10 -10.17 5.66
CA SER A 43 -12.10 -9.10 5.54
C SER A 43 -10.69 -9.65 5.68
N GLY A 44 -10.40 -10.23 6.85
CA GLY A 44 -9.08 -10.79 7.08
C GLY A 44 -9.09 -11.84 8.17
ZN ZN B . -2.83 0.99 -0.32
N GLY A 1 27.32 1.35 1.99
CA GLY A 1 26.43 1.38 3.13
C GLY A 1 25.56 2.62 3.16
N SER A 2 24.70 2.74 2.16
CA SER A 2 23.80 3.89 2.06
C SER A 2 22.35 3.44 1.98
N SER A 3 21.45 4.30 2.46
CA SER A 3 20.02 3.98 2.44
C SER A 3 19.41 4.27 1.07
N GLY A 4 19.35 3.26 0.23
CA GLY A 4 18.80 3.42 -1.10
C GLY A 4 17.36 3.95 -1.06
N SER A 5 16.94 4.55 -2.17
CA SER A 5 15.59 5.10 -2.26
C SER A 5 14.73 4.29 -3.24
N SER A 6 15.28 4.03 -4.42
CA SER A 6 14.58 3.27 -5.44
C SER A 6 15.19 1.89 -5.63
N GLY A 7 14.44 0.99 -6.24
CA GLY A 7 14.94 -0.36 -6.46
C GLY A 7 14.15 -1.08 -7.53
N GLU A 8 13.17 -1.88 -7.11
CA GLU A 8 12.34 -2.64 -8.04
C GLU A 8 10.86 -2.45 -7.74
N LYS A 9 10.52 -2.44 -6.45
CA LYS A 9 9.14 -2.26 -6.02
C LYS A 9 8.18 -2.99 -6.97
N PRO A 10 8.41 -4.29 -7.16
CA PRO A 10 7.58 -5.13 -8.03
C PRO A 10 6.19 -5.36 -7.46
N PHE A 11 5.93 -4.77 -6.29
CA PHE A 11 4.64 -4.92 -5.63
C PHE A 11 3.95 -3.57 -5.49
N GLY A 12 2.70 -3.50 -5.95
CA GLY A 12 1.94 -2.27 -5.88
C GLY A 12 0.55 -2.47 -5.29
N CYS A 13 0.09 -1.49 -4.53
CA CYS A 13 -1.23 -1.56 -3.91
C CYS A 13 -2.33 -1.33 -4.94
N SER A 14 -3.55 -1.72 -4.59
CA SER A 14 -4.68 -1.56 -5.49
C SER A 14 -5.51 -0.34 -5.11
N CYS A 15 -5.65 -0.10 -3.81
CA CYS A 15 -6.40 1.04 -3.32
C CYS A 15 -5.68 2.35 -3.61
N CYS A 16 -4.37 2.35 -3.38
CA CYS A 16 -3.55 3.54 -3.61
C CYS A 16 -2.52 3.29 -4.70
N GLU A 17 -1.73 4.31 -5.01
CA GLU A 17 -0.70 4.19 -6.03
C GLU A 17 0.68 4.01 -5.41
N LYS A 18 0.71 3.40 -4.23
CA LYS A 18 1.96 3.16 -3.52
C LYS A 18 2.49 1.76 -3.82
N ALA A 19 3.81 1.61 -3.74
CA ALA A 19 4.44 0.33 -4.00
C ALA A 19 5.45 -0.02 -2.92
N PHE A 20 5.67 -1.31 -2.70
CA PHE A 20 6.61 -1.77 -1.68
C PHE A 20 7.55 -2.84 -2.25
N SER A 21 8.68 -3.03 -1.59
CA SER A 21 9.67 -4.02 -2.04
C SER A 21 9.29 -5.41 -1.56
N SER A 22 8.92 -5.52 -0.29
CA SER A 22 8.54 -6.80 0.29
C SER A 22 7.04 -6.88 0.50
N LYS A 23 6.46 -8.04 0.24
CA LYS A 23 5.02 -8.25 0.41
C LYS A 23 4.60 -7.99 1.85
N SER A 24 5.26 -8.66 2.78
CA SER A 24 4.95 -8.50 4.20
C SER A 24 4.66 -7.04 4.53
N TYR A 25 5.52 -6.15 4.08
CA TYR A 25 5.34 -4.72 4.32
C TYR A 25 4.07 -4.20 3.67
N LEU A 26 3.92 -4.50 2.37
CA LEU A 26 2.74 -4.07 1.62
C LEU A 26 1.46 -4.45 2.35
N LEU A 27 1.40 -5.69 2.83
CA LEU A 27 0.22 -6.17 3.55
C LEU A 27 -0.13 -5.24 4.70
N VAL A 28 0.81 -5.07 5.63
CA VAL A 28 0.59 -4.21 6.79
C VAL A 28 0.06 -2.85 6.36
N HIS A 29 0.60 -2.33 5.26
CA HIS A 29 0.18 -1.02 4.74
C HIS A 29 -1.30 -1.05 4.35
N GLN A 30 -1.64 -1.93 3.41
CA GLN A 30 -3.01 -2.04 2.95
C GLN A 30 -3.99 -1.99 4.12
N GLN A 31 -3.64 -2.66 5.22
CA GLN A 31 -4.49 -2.68 6.40
C GLN A 31 -5.13 -1.33 6.64
N THR A 32 -4.35 -0.26 6.47
CA THR A 32 -4.84 1.09 6.67
C THR A 32 -6.21 1.27 6.03
N HIS A 33 -6.33 0.85 4.77
CA HIS A 33 -7.59 0.97 4.04
C HIS A 33 -8.70 0.19 4.75
N ALA A 34 -8.37 -0.98 5.26
CA ALA A 34 -9.34 -1.81 5.96
C ALA A 34 -9.99 -1.05 7.11
N GLU A 35 -9.18 -0.26 7.82
CA GLU A 35 -9.70 0.52 8.94
C GLU A 35 -10.72 1.56 8.47
N GLU A 36 -10.28 2.43 7.55
CA GLU A 36 -11.16 3.47 7.02
C GLU A 36 -12.16 3.93 8.08
N LYS A 37 -11.71 3.98 9.33
CA LYS A 37 -12.55 4.41 10.44
C LYS A 37 -13.15 5.79 10.17
N PRO A 38 -14.40 5.99 10.59
CA PRO A 38 -15.11 7.26 10.40
C PRO A 38 -14.54 8.37 11.28
N SER A 39 -14.78 9.62 10.89
CA SER A 39 -14.29 10.77 11.64
C SER A 39 -15.17 11.05 12.86
N GLY A 40 -14.62 11.75 13.83
CA GLY A 40 -15.36 12.07 15.03
C GLY A 40 -15.97 13.46 14.98
N PRO A 41 -15.25 14.45 15.53
CA PRO A 41 -15.71 15.84 15.56
C PRO A 41 -15.70 16.48 14.18
N SER A 42 -16.86 16.47 13.52
CA SER A 42 -16.97 17.05 12.19
C SER A 42 -18.33 17.74 12.03
N SER A 43 -18.29 19.03 11.72
CA SER A 43 -19.51 19.82 11.54
C SER A 43 -19.55 20.44 10.15
N GLY A 44 -19.96 19.65 9.16
CA GLY A 44 -20.03 20.14 7.80
C GLY A 44 -21.23 19.61 7.05
ZN ZN B . -2.73 1.21 -0.40
N GLY A 1 10.96 13.15 -13.53
CA GLY A 1 10.71 11.72 -13.52
C GLY A 1 11.93 10.92 -13.14
N SER A 2 11.75 9.62 -12.97
CA SER A 2 12.85 8.73 -12.60
C SER A 2 12.48 7.27 -12.86
N SER A 3 13.50 6.42 -12.94
CA SER A 3 13.29 5.00 -13.19
C SER A 3 12.10 4.48 -12.40
N GLY A 4 11.15 3.87 -13.11
CA GLY A 4 9.96 3.33 -12.46
C GLY A 4 10.20 1.96 -11.86
N SER A 5 9.37 1.00 -12.26
CA SER A 5 9.49 -0.36 -11.74
C SER A 5 10.54 -1.14 -12.52
N SER A 6 11.67 -0.49 -12.80
CA SER A 6 12.75 -1.11 -13.54
C SER A 6 13.26 -2.36 -12.81
N GLY A 7 13.55 -2.20 -11.53
CA GLY A 7 14.04 -3.32 -10.74
C GLY A 7 13.94 -3.06 -9.25
N GLU A 8 13.00 -2.21 -8.85
CA GLU A 8 12.81 -1.88 -7.45
C GLU A 8 11.34 -1.68 -7.13
N LYS A 9 10.89 -2.27 -6.02
CA LYS A 9 9.50 -2.16 -5.59
C LYS A 9 8.57 -2.75 -6.64
N PRO A 10 8.82 -4.03 -6.99
CA PRO A 10 8.01 -4.75 -7.99
C PRO A 10 6.61 -5.06 -7.47
N PHE A 11 6.32 -4.62 -6.25
CA PHE A 11 5.01 -4.85 -5.64
C PHE A 11 4.21 -3.56 -5.54
N GLY A 12 2.99 -3.57 -6.07
CA GLY A 12 2.16 -2.39 -6.03
C GLY A 12 0.81 -2.67 -5.40
N CYS A 13 0.25 -1.67 -4.72
CA CYS A 13 -1.04 -1.80 -4.07
C CYS A 13 -2.18 -1.69 -5.09
N SER A 14 -3.29 -2.36 -4.81
CA SER A 14 -4.44 -2.33 -5.70
C SER A 14 -5.38 -1.19 -5.34
N CYS A 15 -5.49 -0.91 -4.04
CA CYS A 15 -6.36 0.15 -3.56
C CYS A 15 -5.78 1.52 -3.90
N CYS A 16 -4.49 1.68 -3.67
CA CYS A 16 -3.81 2.94 -3.96
C CYS A 16 -2.72 2.75 -5.00
N GLU A 17 -1.99 3.83 -5.28
CA GLU A 17 -0.90 3.78 -6.26
C GLU A 17 0.45 3.70 -5.57
N LYS A 18 0.47 3.11 -4.39
CA LYS A 18 1.70 2.96 -3.62
C LYS A 18 2.40 1.63 -3.94
N ALA A 19 3.72 1.62 -3.86
CA ALA A 19 4.49 0.41 -4.13
C ALA A 19 5.46 0.12 -2.99
N PHE A 20 5.73 -1.16 -2.77
CA PHE A 20 6.64 -1.58 -1.71
C PHE A 20 7.69 -2.55 -2.25
N SER A 21 8.67 -2.89 -1.41
CA SER A 21 9.73 -3.80 -1.81
C SER A 21 9.37 -5.24 -1.44
N SER A 22 8.94 -5.45 -0.21
CA SER A 22 8.56 -6.78 0.26
C SER A 22 7.05 -6.89 0.39
N LYS A 23 6.57 -8.13 0.52
CA LYS A 23 5.14 -8.39 0.65
C LYS A 23 4.65 -8.04 2.06
N SER A 24 5.38 -8.52 3.06
CA SER A 24 5.03 -8.26 4.45
C SER A 24 4.64 -6.80 4.65
N TYR A 25 5.43 -5.90 4.08
CA TYR A 25 5.18 -4.46 4.20
C TYR A 25 3.89 -4.09 3.48
N LEU A 26 3.80 -4.45 2.21
CA LEU A 26 2.61 -4.15 1.41
C LEU A 26 1.34 -4.61 2.11
N LEU A 27 1.33 -5.87 2.54
CA LEU A 27 0.18 -6.44 3.23
C LEU A 27 -0.24 -5.56 4.41
N VAL A 28 0.70 -5.34 5.33
CA VAL A 28 0.42 -4.51 6.50
C VAL A 28 -0.11 -3.14 6.10
N HIS A 29 0.47 -2.57 5.05
CA HIS A 29 0.06 -1.26 4.56
C HIS A 29 -1.43 -1.26 4.21
N GLN A 30 -1.87 -2.29 3.50
CA GLN A 30 -3.27 -2.41 3.12
C GLN A 30 -4.19 -2.16 4.31
N GLN A 31 -3.85 -2.75 5.44
CA GLN A 31 -4.65 -2.60 6.66
C GLN A 31 -5.19 -1.18 6.78
N THR A 32 -4.33 -0.20 6.49
CA THR A 32 -4.72 1.20 6.56
C THR A 32 -6.10 1.42 5.95
N HIS A 33 -6.32 0.84 4.78
CA HIS A 33 -7.60 0.98 4.08
C HIS A 33 -8.73 0.35 4.89
N ALA A 34 -8.40 -0.70 5.64
CA ALA A 34 -9.38 -1.39 6.47
C ALA A 34 -9.59 -0.67 7.80
N GLU A 35 -9.20 0.61 7.84
CA GLU A 35 -9.33 1.40 9.05
C GLU A 35 -10.58 2.29 8.99
N GLU A 36 -10.99 2.62 7.77
CA GLU A 36 -12.16 3.47 7.57
C GLU A 36 -13.43 2.62 7.43
N LYS A 37 -13.44 1.48 8.11
CA LYS A 37 -14.58 0.58 8.07
C LYS A 37 -15.26 0.63 6.70
N PRO A 38 -14.47 0.38 5.64
CA PRO A 38 -14.97 0.38 4.26
C PRO A 38 -15.89 -0.80 3.98
N SER A 39 -16.15 -1.61 5.01
CA SER A 39 -17.01 -2.78 4.87
C SER A 39 -18.13 -2.51 3.86
N GLY A 40 -18.45 -3.52 3.06
CA GLY A 40 -19.50 -3.37 2.07
C GLY A 40 -20.86 -3.18 2.69
N PRO A 41 -21.92 -3.29 1.87
CA PRO A 41 -23.30 -3.13 2.33
C PRO A 41 -23.75 -4.28 3.22
N SER A 42 -25.03 -4.29 3.57
CA SER A 42 -25.59 -5.33 4.42
C SER A 42 -24.88 -5.37 5.77
N SER A 43 -24.63 -4.19 6.33
CA SER A 43 -23.95 -4.09 7.62
C SER A 43 -24.92 -3.64 8.71
N GLY A 44 -25.87 -2.79 8.33
CA GLY A 44 -26.85 -2.30 9.29
C GLY A 44 -27.44 -0.96 8.88
ZN ZN B . -2.83 0.87 -0.52
N GLY A 1 23.90 2.63 0.16
CA GLY A 1 23.17 2.70 1.41
C GLY A 1 23.28 1.42 2.22
N SER A 2 22.17 0.69 2.30
CA SER A 2 22.14 -0.57 3.04
C SER A 2 21.57 -1.69 2.19
N SER A 3 22.45 -2.42 1.52
CA SER A 3 22.05 -3.53 0.67
C SER A 3 20.91 -3.11 -0.26
N GLY A 4 21.03 -1.90 -0.82
CA GLY A 4 20.01 -1.40 -1.72
C GLY A 4 20.56 -1.04 -3.08
N SER A 5 21.08 -2.02 -3.80
CA SER A 5 21.65 -1.80 -5.11
C SER A 5 20.56 -1.48 -6.14
N SER A 6 19.48 -2.24 -6.08
CA SER A 6 18.35 -2.04 -7.00
C SER A 6 17.04 -1.88 -6.24
N GLY A 7 16.73 -0.65 -5.86
CA GLY A 7 15.50 -0.38 -5.12
C GLY A 7 14.28 -0.45 -6.00
N GLU A 8 13.89 -1.66 -6.39
CA GLU A 8 12.73 -1.86 -7.25
C GLU A 8 11.48 -2.15 -6.41
N LYS A 9 10.32 -1.75 -6.93
CA LYS A 9 9.06 -1.96 -6.23
C LYS A 9 8.08 -2.73 -7.11
N PRO A 10 8.36 -4.02 -7.32
CA PRO A 10 7.51 -4.89 -8.14
C PRO A 10 6.17 -5.19 -7.47
N PHE A 11 5.98 -4.66 -6.28
CA PHE A 11 4.75 -4.88 -5.53
C PHE A 11 3.97 -3.57 -5.39
N GLY A 12 2.85 -3.48 -6.10
CA GLY A 12 2.03 -2.28 -6.05
C GLY A 12 0.64 -2.55 -5.50
N CYS A 13 0.20 -1.70 -4.58
CA CYS A 13 -1.12 -1.85 -3.97
C CYS A 13 -2.22 -1.74 -5.02
N SER A 14 -3.42 -2.16 -4.66
CA SER A 14 -4.56 -2.11 -5.57
C SER A 14 -5.45 -0.91 -5.25
N CYS A 15 -5.55 -0.57 -3.97
CA CYS A 15 -6.37 0.55 -3.54
C CYS A 15 -5.70 1.87 -3.87
N CYS A 16 -4.40 1.95 -3.60
CA CYS A 16 -3.63 3.16 -3.87
C CYS A 16 -2.57 2.92 -4.94
N GLU A 17 -1.74 3.92 -5.19
CA GLU A 17 -0.68 3.82 -6.18
C GLU A 17 0.68 3.68 -5.51
N LYS A 18 0.69 3.13 -4.30
CA LYS A 18 1.92 2.94 -3.56
C LYS A 18 2.56 1.59 -3.89
N ALA A 19 3.88 1.52 -3.74
CA ALA A 19 4.62 0.30 -4.03
C ALA A 19 5.57 -0.05 -2.89
N PHE A 20 5.81 -1.35 -2.70
CA PHE A 20 6.70 -1.80 -1.64
C PHE A 20 7.71 -2.81 -2.19
N SER A 21 8.85 -2.93 -1.51
CA SER A 21 9.90 -3.84 -1.93
C SER A 21 9.51 -5.29 -1.65
N SER A 22 8.83 -5.50 -0.52
CA SER A 22 8.40 -6.84 -0.13
C SER A 22 6.90 -6.89 0.08
N LYS A 23 6.38 -8.08 0.34
CA LYS A 23 4.94 -8.26 0.56
C LYS A 23 4.57 -7.89 2.00
N SER A 24 5.15 -8.59 2.96
CA SER A 24 4.88 -8.33 4.37
C SER A 24 4.64 -6.85 4.61
N TYR A 25 5.50 -6.02 4.04
CA TYR A 25 5.38 -4.57 4.19
C TYR A 25 4.13 -4.04 3.49
N LEU A 26 3.91 -4.52 2.27
CA LEU A 26 2.75 -4.09 1.48
C LEU A 26 1.45 -4.45 2.19
N LEU A 27 1.37 -5.70 2.67
CA LEU A 27 0.18 -6.17 3.37
C LEU A 27 -0.12 -5.30 4.57
N VAL A 28 0.84 -5.19 5.49
CA VAL A 28 0.67 -4.37 6.68
C VAL A 28 0.17 -2.97 6.34
N HIS A 29 0.50 -2.51 5.14
CA HIS A 29 0.08 -1.20 4.68
C HIS A 29 -1.41 -1.20 4.30
N GLN A 30 -1.76 -2.06 3.36
CA GLN A 30 -3.16 -2.16 2.91
C GLN A 30 -4.12 -2.07 4.09
N GLN A 31 -3.71 -2.64 5.22
CA GLN A 31 -4.54 -2.62 6.42
C GLN A 31 -5.18 -1.26 6.63
N THR A 32 -4.37 -0.20 6.47
CA THR A 32 -4.85 1.16 6.65
C THR A 32 -6.22 1.35 6.01
N HIS A 33 -6.40 0.80 4.82
CA HIS A 33 -7.67 0.90 4.10
C HIS A 33 -8.78 0.18 4.88
N ALA A 34 -8.43 -0.92 5.53
CA ALA A 34 -9.39 -1.70 6.30
C ALA A 34 -9.83 -0.94 7.55
N GLU A 35 -8.88 -0.26 8.18
CA GLU A 35 -9.17 0.52 9.39
C GLU A 35 -9.77 1.87 9.04
N GLU A 36 -9.00 2.69 8.34
CA GLU A 36 -9.46 4.02 7.94
C GLU A 36 -10.37 3.94 6.73
N LYS A 37 -11.33 3.02 6.77
CA LYS A 37 -12.26 2.85 5.67
C LYS A 37 -13.19 4.06 5.54
N PRO A 38 -13.48 4.45 4.30
CA PRO A 38 -14.36 5.59 4.01
C PRO A 38 -15.81 5.30 4.36
N SER A 39 -16.33 6.02 5.35
CA SER A 39 -17.72 5.83 5.78
C SER A 39 -18.67 6.68 4.94
N GLY A 40 -19.34 6.04 3.99
CA GLY A 40 -20.28 6.75 3.14
C GLY A 40 -21.48 7.27 3.89
N PRO A 41 -22.04 8.38 3.41
CA PRO A 41 -23.22 9.01 4.04
C PRO A 41 -24.48 8.17 3.86
N SER A 42 -24.69 7.23 4.76
CA SER A 42 -25.86 6.35 4.71
C SER A 42 -26.28 5.92 6.11
N SER A 43 -27.42 5.23 6.19
CA SER A 43 -27.93 4.75 7.47
C SER A 43 -27.28 3.43 7.87
N GLY A 44 -26.17 3.52 8.60
CA GLY A 44 -25.47 2.33 9.03
C GLY A 44 -25.19 2.33 10.52
ZN ZN B . -2.77 0.87 -0.50
N GLY A 1 18.78 8.50 1.78
CA GLY A 1 19.92 9.16 1.20
C GLY A 1 19.54 10.22 0.19
N SER A 2 20.26 10.29 -0.91
CA SER A 2 19.99 11.26 -1.97
C SER A 2 18.57 11.09 -2.51
N SER A 3 18.05 12.15 -3.13
CA SER A 3 16.70 12.13 -3.68
C SER A 3 16.37 10.74 -4.24
N GLY A 4 15.21 10.21 -3.85
CA GLY A 4 14.81 8.90 -4.31
C GLY A 4 15.71 7.80 -3.81
N SER A 5 15.14 6.60 -3.64
CA SER A 5 15.91 5.47 -3.15
C SER A 5 16.05 4.40 -4.24
N SER A 6 17.06 3.56 -4.11
CA SER A 6 17.31 2.50 -5.08
C SER A 6 16.46 1.27 -4.76
N GLY A 7 15.85 0.70 -5.80
CA GLY A 7 15.02 -0.48 -5.62
C GLY A 7 14.03 -0.67 -6.76
N GLU A 8 13.41 -1.84 -6.81
CA GLU A 8 12.44 -2.14 -7.85
C GLU A 8 11.02 -1.97 -7.34
N LYS A 9 10.75 -2.45 -6.13
CA LYS A 9 9.43 -2.35 -5.53
C LYS A 9 8.36 -2.79 -6.51
N PRO A 10 8.50 -4.01 -7.04
CA PRO A 10 7.53 -4.57 -7.99
C PRO A 10 6.19 -4.90 -7.35
N PHE A 11 6.09 -4.62 -6.04
CA PHE A 11 4.86 -4.89 -5.30
C PHE A 11 4.01 -3.64 -5.19
N GLY A 12 2.97 -3.55 -6.02
CA GLY A 12 2.10 -2.40 -5.99
C GLY A 12 0.72 -2.72 -5.44
N CYS A 13 0.25 -1.88 -4.52
CA CYS A 13 -1.06 -2.08 -3.90
C CYS A 13 -2.16 -2.12 -4.95
N SER A 14 -3.29 -2.72 -4.61
CA SER A 14 -4.42 -2.82 -5.52
C SER A 14 -5.41 -1.68 -5.29
N CYS A 15 -5.53 -1.25 -4.04
CA CYS A 15 -6.44 -0.17 -3.69
C CYS A 15 -5.89 1.18 -4.14
N CYS A 16 -4.60 1.39 -3.89
CA CYS A 16 -3.95 2.64 -4.26
C CYS A 16 -2.84 2.39 -5.27
N GLU A 17 -2.15 3.46 -5.67
CA GLU A 17 -1.07 3.35 -6.63
C GLU A 17 0.29 3.34 -5.93
N LYS A 18 0.31 2.84 -4.70
CA LYS A 18 1.53 2.76 -3.92
C LYS A 18 2.29 1.47 -4.22
N ALA A 19 3.54 1.41 -3.78
CA ALA A 19 4.37 0.23 -3.99
C ALA A 19 5.32 0.00 -2.82
N PHE A 20 5.77 -1.23 -2.66
CA PHE A 20 6.69 -1.58 -1.58
C PHE A 20 7.73 -2.58 -2.06
N SER A 21 8.84 -2.66 -1.34
CA SER A 21 9.93 -3.58 -1.68
C SER A 21 9.66 -4.97 -1.13
N SER A 22 9.27 -5.03 0.13
CA SER A 22 8.99 -6.31 0.79
C SER A 22 7.48 -6.56 0.85
N LYS A 23 7.06 -7.76 0.46
CA LYS A 23 5.66 -8.13 0.47
C LYS A 23 5.02 -7.81 1.82
N SER A 24 5.56 -8.41 2.88
CA SER A 24 5.05 -8.19 4.22
C SER A 24 4.65 -6.74 4.43
N TYR A 25 5.53 -5.82 4.02
CA TYR A 25 5.26 -4.40 4.16
C TYR A 25 3.99 -4.00 3.40
N LEU A 26 3.82 -4.56 2.21
CA LEU A 26 2.65 -4.26 1.39
C LEU A 26 1.38 -4.72 2.08
N LEU A 27 1.37 -5.96 2.54
CA LEU A 27 0.21 -6.52 3.23
C LEU A 27 -0.21 -5.64 4.40
N VAL A 28 0.70 -5.44 5.34
CA VAL A 28 0.41 -4.61 6.51
C VAL A 28 -0.16 -3.26 6.10
N HIS A 29 0.39 -2.69 5.02
CA HIS A 29 -0.08 -1.39 4.53
C HIS A 29 -1.56 -1.44 4.20
N GLN A 30 -1.96 -2.42 3.39
CA GLN A 30 -3.36 -2.57 3.00
C GLN A 30 -4.28 -2.32 4.18
N GLN A 31 -3.91 -2.84 5.34
CA GLN A 31 -4.71 -2.68 6.55
C GLN A 31 -5.17 -1.23 6.70
N THR A 32 -4.26 -0.30 6.45
CA THR A 32 -4.58 1.12 6.56
C THR A 32 -5.93 1.44 5.92
N HIS A 33 -6.24 0.74 4.84
CA HIS A 33 -7.49 0.94 4.13
C HIS A 33 -8.69 0.58 5.02
N ALA A 34 -8.54 -0.49 5.79
CA ALA A 34 -9.59 -0.93 6.69
C ALA A 34 -10.07 0.21 7.58
N GLU A 35 -9.14 1.04 8.02
CA GLU A 35 -9.47 2.17 8.88
C GLU A 35 -9.52 3.47 8.07
N GLU A 36 -9.94 4.55 8.73
CA GLU A 36 -10.04 5.85 8.07
C GLU A 36 -11.03 5.79 6.91
N LYS A 37 -11.98 4.87 6.99
CA LYS A 37 -12.99 4.72 5.95
C LYS A 37 -14.03 5.83 6.01
N PRO A 38 -14.63 6.15 4.86
CA PRO A 38 -15.66 7.19 4.77
C PRO A 38 -16.96 6.79 5.45
N SER A 39 -17.93 7.70 5.44
CA SER A 39 -19.22 7.44 6.07
C SER A 39 -20.06 6.50 5.21
N GLY A 40 -20.49 6.99 4.04
CA GLY A 40 -21.29 6.17 3.15
C GLY A 40 -20.91 4.70 3.20
N PRO A 41 -21.90 3.82 3.09
CA PRO A 41 -21.68 2.37 3.12
C PRO A 41 -20.97 1.87 1.86
N SER A 42 -20.05 0.93 2.04
CA SER A 42 -19.30 0.38 0.92
C SER A 42 -20.22 -0.36 -0.04
N SER A 43 -20.04 -0.12 -1.33
CA SER A 43 -20.86 -0.75 -2.36
C SER A 43 -19.98 -1.49 -3.37
N GLY A 44 -19.38 -2.58 -2.93
CA GLY A 44 -18.51 -3.36 -3.82
C GLY A 44 -17.05 -3.13 -3.55
ZN ZN B . -3.12 0.73 -0.67
N GLY A 1 21.75 7.28 -18.01
CA GLY A 1 22.15 6.67 -16.75
C GLY A 1 21.92 5.17 -16.73
N SER A 2 22.40 4.51 -15.69
CA SER A 2 22.25 3.07 -15.55
C SER A 2 20.94 2.73 -14.85
N SER A 3 20.67 3.43 -13.75
CA SER A 3 19.46 3.20 -12.97
C SER A 3 18.27 3.90 -13.61
N GLY A 4 17.57 3.21 -14.50
CA GLY A 4 16.42 3.79 -15.17
C GLY A 4 15.17 3.76 -14.30
N SER A 5 14.78 2.56 -13.87
CA SER A 5 13.60 2.41 -13.04
C SER A 5 13.96 2.51 -11.55
N SER A 6 14.81 3.48 -11.23
CA SER A 6 15.24 3.67 -9.85
C SER A 6 14.11 3.37 -8.87
N GLY A 7 14.29 2.30 -8.09
CA GLY A 7 13.27 1.92 -7.13
C GLY A 7 12.68 0.55 -7.42
N GLU A 8 13.32 -0.49 -6.90
CA GLU A 8 12.85 -1.85 -7.11
C GLU A 8 11.58 -2.13 -6.31
N LYS A 9 10.44 -1.78 -6.88
CA LYS A 9 9.16 -1.98 -6.22
C LYS A 9 8.21 -2.78 -7.11
N PRO A 10 8.48 -4.10 -7.23
CA PRO A 10 7.66 -4.99 -8.05
C PRO A 10 6.28 -5.23 -7.43
N PHE A 11 6.07 -4.70 -6.24
CA PHE A 11 4.80 -4.86 -5.55
C PHE A 11 4.06 -3.52 -5.44
N GLY A 12 2.86 -3.46 -6.00
CA GLY A 12 2.09 -2.24 -5.96
C GLY A 12 0.67 -2.47 -5.44
N CYS A 13 0.28 -1.70 -4.43
CA CYS A 13 -1.04 -1.82 -3.84
C CYS A 13 -2.12 -1.76 -4.92
N SER A 14 -3.30 -2.29 -4.61
CA SER A 14 -4.41 -2.29 -5.55
C SER A 14 -5.33 -1.10 -5.30
N CYS A 15 -5.50 -0.73 -4.04
CA CYS A 15 -6.35 0.40 -3.68
C CYS A 15 -5.69 1.72 -4.03
N CYS A 16 -4.40 1.83 -3.73
CA CYS A 16 -3.65 3.05 -4.03
C CYS A 16 -2.58 2.78 -5.09
N GLU A 17 -1.77 3.80 -5.36
CA GLU A 17 -0.70 3.68 -6.36
C GLU A 17 0.66 3.57 -5.68
N LYS A 18 0.67 3.02 -4.47
CA LYS A 18 1.92 2.86 -3.72
C LYS A 18 2.60 1.54 -4.08
N ALA A 19 3.87 1.42 -3.69
CA ALA A 19 4.63 0.21 -3.98
C ALA A 19 5.63 -0.08 -2.86
N PHE A 20 5.90 -1.36 -2.62
CA PHE A 20 6.83 -1.77 -1.59
C PHE A 20 7.84 -2.78 -2.12
N SER A 21 8.82 -3.11 -1.31
CA SER A 21 9.86 -4.07 -1.70
C SER A 21 9.48 -5.49 -1.27
N SER A 22 9.01 -5.61 -0.02
CA SER A 22 8.62 -6.91 0.52
C SER A 22 7.10 -7.00 0.67
N LYS A 23 6.54 -8.13 0.27
CA LYS A 23 5.09 -8.33 0.37
C LYS A 23 4.58 -7.91 1.74
N SER A 24 5.17 -8.47 2.79
CA SER A 24 4.77 -8.15 4.16
C SER A 24 4.45 -6.66 4.30
N TYR A 25 5.45 -5.83 4.02
CA TYR A 25 5.29 -4.38 4.12
C TYR A 25 4.01 -3.93 3.42
N LEU A 26 3.76 -4.49 2.24
CA LEU A 26 2.57 -4.15 1.47
C LEU A 26 1.31 -4.60 2.19
N LEU A 27 1.30 -5.85 2.64
CA LEU A 27 0.15 -6.40 3.35
C LEU A 27 -0.19 -5.56 4.57
N VAL A 28 0.80 -5.31 5.41
CA VAL A 28 0.61 -4.50 6.62
C VAL A 28 0.11 -3.11 6.27
N HIS A 29 0.47 -2.62 5.09
CA HIS A 29 0.05 -1.30 4.64
C HIS A 29 -1.45 -1.27 4.37
N GLN A 30 -1.92 -2.25 3.60
CA GLN A 30 -3.33 -2.33 3.25
C GLN A 30 -4.20 -2.15 4.49
N GLN A 31 -3.61 -2.36 5.66
CA GLN A 31 -4.34 -2.22 6.92
C GLN A 31 -5.07 -0.89 6.98
N THR A 32 -4.40 0.17 6.54
CA THR A 32 -4.98 1.51 6.55
C THR A 32 -6.25 1.55 5.71
N HIS A 33 -6.34 0.66 4.72
CA HIS A 33 -7.51 0.60 3.85
C HIS A 33 -8.64 -0.18 4.52
N ALA A 34 -8.31 -0.94 5.54
CA ALA A 34 -9.29 -1.73 6.27
C ALA A 34 -9.82 -0.98 7.48
N GLU A 35 -9.55 0.32 7.53
CA GLU A 35 -10.00 1.16 8.63
C GLU A 35 -10.16 2.61 8.19
N GLU A 36 -10.94 3.37 8.95
CA GLU A 36 -11.16 4.77 8.64
C GLU A 36 -11.35 4.98 7.14
N LYS A 37 -11.88 3.95 6.47
CA LYS A 37 -12.12 4.01 5.03
C LYS A 37 -13.23 5.00 4.71
N PRO A 38 -13.16 5.59 3.51
CA PRO A 38 -14.17 6.56 3.04
C PRO A 38 -15.52 5.92 2.77
N SER A 39 -16.46 6.71 2.28
CA SER A 39 -17.80 6.21 1.97
C SER A 39 -17.78 5.34 0.72
N GLY A 40 -17.92 4.04 0.92
CA GLY A 40 -17.92 3.11 -0.20
C GLY A 40 -18.94 3.47 -1.25
N PRO A 41 -18.60 3.24 -2.53
CA PRO A 41 -19.48 3.54 -3.65
C PRO A 41 -20.69 2.61 -3.71
N SER A 42 -20.64 1.54 -2.93
CA SER A 42 -21.73 0.58 -2.88
C SER A 42 -23.05 1.25 -2.52
N SER A 43 -24.16 0.60 -2.85
CA SER A 43 -25.48 1.14 -2.56
C SER A 43 -26.21 0.26 -1.56
N GLY A 44 -25.51 -0.14 -0.51
CA GLY A 44 -26.11 -0.98 0.52
C GLY A 44 -25.14 -2.02 1.05
ZN ZN B . -2.81 0.99 -0.48
N GLY A 1 20.57 1.12 0.32
CA GLY A 1 19.28 0.47 0.37
C GLY A 1 18.42 0.79 -0.84
N SER A 2 17.98 2.04 -0.94
CA SER A 2 17.15 2.47 -2.05
C SER A 2 17.61 3.81 -2.60
N SER A 3 17.81 3.88 -3.91
CA SER A 3 18.26 5.10 -4.55
C SER A 3 17.25 5.59 -5.59
N GLY A 4 17.47 6.78 -6.12
CA GLY A 4 16.56 7.33 -7.11
C GLY A 4 15.20 7.69 -6.52
N SER A 5 14.86 8.97 -6.57
CA SER A 5 13.58 9.44 -6.03
C SER A 5 12.49 8.39 -6.26
N SER A 6 12.33 7.97 -7.51
CA SER A 6 11.32 6.98 -7.85
C SER A 6 11.97 5.64 -8.21
N GLY A 7 11.30 4.56 -7.85
CA GLY A 7 11.82 3.23 -8.13
C GLY A 7 10.77 2.31 -8.73
N GLU A 8 11.16 1.07 -9.02
CA GLU A 8 10.25 0.10 -9.59
C GLU A 8 10.08 -1.10 -8.66
N LYS A 9 8.86 -1.27 -8.14
CA LYS A 9 8.56 -2.37 -7.25
C LYS A 9 7.53 -3.31 -7.86
N PRO A 10 7.76 -4.63 -7.70
CA PRO A 10 6.86 -5.66 -8.24
C PRO A 10 5.53 -5.71 -7.50
N PHE A 11 5.45 -4.97 -6.39
CA PHE A 11 4.24 -4.93 -5.59
C PHE A 11 3.69 -3.51 -5.49
N GLY A 12 2.44 -3.34 -5.90
CA GLY A 12 1.82 -2.03 -5.86
C GLY A 12 0.44 -2.05 -5.22
N CYS A 13 0.14 -1.03 -4.42
CA CYS A 13 -1.16 -0.95 -3.76
C CYS A 13 -2.28 -0.76 -4.77
N SER A 14 -3.51 -0.99 -4.32
CA SER A 14 -4.68 -0.84 -5.19
C SER A 14 -5.42 0.46 -4.88
N CYS A 15 -5.51 0.80 -3.60
CA CYS A 15 -6.19 2.00 -3.17
C CYS A 15 -5.37 3.25 -3.50
N CYS A 16 -4.07 3.16 -3.27
CA CYS A 16 -3.16 4.27 -3.55
C CYS A 16 -2.23 3.95 -4.70
N GLU A 17 -1.30 4.86 -4.98
CA GLU A 17 -0.34 4.66 -6.06
C GLU A 17 1.04 4.36 -5.52
N LYS A 18 1.10 3.74 -4.34
CA LYS A 18 2.36 3.39 -3.70
C LYS A 18 2.76 1.96 -4.04
N ALA A 19 3.99 1.59 -3.70
CA ALA A 19 4.49 0.25 -3.96
C ALA A 19 5.56 -0.15 -2.95
N PHE A 20 5.76 -1.45 -2.79
CA PHE A 20 6.75 -1.96 -1.85
C PHE A 20 7.58 -3.08 -2.47
N SER A 21 8.66 -3.45 -1.80
CA SER A 21 9.54 -4.50 -2.31
C SER A 21 9.11 -5.86 -1.76
N SER A 22 8.66 -5.88 -0.51
CA SER A 22 8.23 -7.11 0.13
C SER A 22 6.73 -7.08 0.42
N LYS A 23 6.07 -8.21 0.25
CA LYS A 23 4.64 -8.32 0.49
C LYS A 23 4.30 -7.94 1.93
N SER A 24 4.93 -8.62 2.88
CA SER A 24 4.69 -8.36 4.30
C SER A 24 4.51 -6.86 4.55
N TYR A 25 5.46 -6.06 4.06
CA TYR A 25 5.39 -4.62 4.23
C TYR A 25 4.13 -4.05 3.58
N LEU A 26 3.82 -4.55 2.38
CA LEU A 26 2.65 -4.09 1.65
C LEU A 26 1.37 -4.33 2.44
N LEU A 27 1.25 -5.53 3.02
CA LEU A 27 0.09 -5.89 3.81
C LEU A 27 -0.15 -4.87 4.92
N VAL A 28 0.83 -4.74 5.81
CA VAL A 28 0.72 -3.81 6.92
C VAL A 28 0.29 -2.43 6.44
N HIS A 29 0.71 -2.06 5.23
CA HIS A 29 0.36 -0.77 4.66
C HIS A 29 -1.12 -0.72 4.29
N GLN A 30 -1.58 -1.75 3.58
CA GLN A 30 -2.98 -1.82 3.18
C GLN A 30 -3.87 -2.19 4.35
N GLN A 31 -3.26 -2.65 5.43
CA GLN A 31 -4.01 -3.04 6.62
C GLN A 31 -4.92 -1.91 7.09
N THR A 32 -4.47 -0.67 6.90
CA THR A 32 -5.24 0.50 7.30
C THR A 32 -6.28 0.86 6.24
N HIS A 33 -5.96 0.56 4.98
CA HIS A 33 -6.86 0.86 3.88
C HIS A 33 -8.19 0.13 4.06
N ALA A 34 -8.12 -1.11 4.54
CA ALA A 34 -9.31 -1.92 4.76
C ALA A 34 -10.02 -1.52 6.05
N GLU A 35 -9.61 -0.39 6.61
CA GLU A 35 -10.21 0.10 7.85
C GLU A 35 -10.25 1.63 7.88
N GLU A 36 -11.46 2.17 8.00
CA GLU A 36 -11.65 3.62 8.04
C GLU A 36 -12.04 4.09 9.43
N LYS A 37 -11.43 3.48 10.44
CA LYS A 37 -11.71 3.83 11.84
C LYS A 37 -10.44 4.25 12.56
N PRO A 38 -10.56 5.24 13.46
CA PRO A 38 -9.43 5.74 14.24
C PRO A 38 -8.93 4.73 15.26
N SER A 39 -7.99 5.16 16.10
CA SER A 39 -7.43 4.29 17.13
C SER A 39 -7.56 4.92 18.51
N GLY A 40 -8.12 4.16 19.45
CA GLY A 40 -8.30 4.65 20.81
C GLY A 40 -8.86 6.06 20.83
N PRO A 41 -8.65 6.78 21.95
CA PRO A 41 -9.14 8.15 22.12
C PRO A 41 -8.41 9.14 21.24
N SER A 42 -8.85 10.40 21.27
CA SER A 42 -8.22 11.44 20.47
C SER A 42 -6.81 11.74 20.95
N SER A 43 -5.83 11.36 20.16
CA SER A 43 -4.42 11.58 20.50
C SER A 43 -3.55 11.59 19.25
N GLY A 44 -2.85 12.71 19.04
CA GLY A 44 -1.98 12.82 17.89
C GLY A 44 -1.86 14.26 17.41
ZN ZN B . -2.13 1.98 -0.18
N GLY A 1 18.05 12.71 -11.55
CA GLY A 1 17.88 12.79 -10.11
C GLY A 1 17.45 11.47 -9.50
N SER A 2 16.14 11.25 -9.43
CA SER A 2 15.61 10.02 -8.86
C SER A 2 16.20 9.75 -7.48
N SER A 3 16.31 10.80 -6.68
CA SER A 3 16.88 10.68 -5.34
C SER A 3 15.78 10.50 -4.30
N GLY A 4 15.70 9.30 -3.73
CA GLY A 4 14.69 9.02 -2.72
C GLY A 4 14.71 7.57 -2.27
N SER A 5 13.76 6.79 -2.76
CA SER A 5 13.66 5.38 -2.39
C SER A 5 14.64 4.54 -3.21
N SER A 6 15.16 3.49 -2.59
CA SER A 6 16.10 2.61 -3.26
C SER A 6 15.63 1.16 -3.22
N GLY A 7 15.10 0.67 -4.33
CA GLY A 7 14.62 -0.70 -4.39
C GLY A 7 13.63 -0.91 -5.53
N GLU A 8 13.62 -2.12 -6.08
CA GLU A 8 12.72 -2.45 -7.18
C GLU A 8 11.27 -2.19 -6.78
N LYS A 9 10.83 -2.84 -5.72
CA LYS A 9 9.45 -2.68 -5.24
C LYS A 9 8.45 -3.13 -6.30
N PRO A 10 8.61 -4.37 -6.77
CA PRO A 10 7.73 -4.95 -7.78
C PRO A 10 6.33 -5.23 -7.25
N PHE A 11 6.12 -4.92 -5.98
CA PHE A 11 4.83 -5.14 -5.33
C PHE A 11 4.09 -3.81 -5.13
N GLY A 12 2.96 -3.66 -5.82
CA GLY A 12 2.18 -2.44 -5.70
C GLY A 12 0.77 -2.70 -5.22
N CYS A 13 0.32 -1.92 -4.24
CA CYS A 13 -1.02 -2.08 -3.69
C CYS A 13 -2.06 -2.15 -4.81
N SER A 14 -3.21 -2.73 -4.49
CA SER A 14 -4.29 -2.86 -5.47
C SER A 14 -5.27 -1.70 -5.36
N CYS A 15 -5.56 -1.29 -4.14
CA CYS A 15 -6.48 -0.19 -3.89
C CYS A 15 -5.85 1.15 -4.28
N CYS A 16 -4.59 1.33 -3.91
CA CYS A 16 -3.87 2.56 -4.21
C CYS A 16 -2.69 2.28 -5.13
N GLU A 17 -1.90 3.32 -5.39
CA GLU A 17 -0.72 3.18 -6.25
C GLU A 17 0.55 3.05 -5.44
N LYS A 18 0.41 2.49 -4.24
CA LYS A 18 1.55 2.32 -3.34
C LYS A 18 2.41 1.12 -3.78
N ALA A 19 3.64 1.07 -3.30
CA ALA A 19 4.55 -0.02 -3.65
C ALA A 19 5.59 -0.23 -2.55
N PHE A 20 5.97 -1.49 -2.33
CA PHE A 20 6.95 -1.83 -1.31
C PHE A 20 7.92 -2.89 -1.82
N SER A 21 9.13 -2.88 -1.28
CA SER A 21 10.16 -3.85 -1.68
C SER A 21 9.62 -5.27 -1.59
N SER A 22 9.00 -5.60 -0.46
CA SER A 22 8.44 -6.92 -0.25
C SER A 22 6.96 -6.86 0.06
N LYS A 23 6.22 -7.88 -0.35
CA LYS A 23 4.78 -7.94 -0.11
C LYS A 23 4.47 -7.83 1.37
N SER A 24 5.35 -8.37 2.21
CA SER A 24 5.16 -8.33 3.65
C SER A 24 4.85 -6.92 4.12
N TYR A 25 5.63 -5.96 3.64
CA TYR A 25 5.43 -4.56 4.01
C TYR A 25 4.14 -4.01 3.41
N LEU A 26 3.85 -4.41 2.18
CA LEU A 26 2.64 -3.96 1.49
C LEU A 26 1.39 -4.45 2.21
N LEU A 27 1.43 -5.69 2.69
CA LEU A 27 0.31 -6.26 3.41
C LEU A 27 -0.12 -5.38 4.58
N VAL A 28 0.81 -5.11 5.48
CA VAL A 28 0.53 -4.28 6.64
C VAL A 28 -0.02 -2.92 6.22
N HIS A 29 0.50 -2.39 5.13
CA HIS A 29 0.04 -1.10 4.61
C HIS A 29 -1.45 -1.12 4.32
N GLN A 30 -1.89 -2.14 3.58
CA GLN A 30 -3.29 -2.29 3.22
C GLN A 30 -4.19 -1.98 4.43
N GLN A 31 -3.73 -2.37 5.62
CA GLN A 31 -4.49 -2.13 6.84
C GLN A 31 -5.17 -0.77 6.81
N THR A 32 -4.44 0.23 6.34
CA THR A 32 -4.96 1.59 6.26
C THR A 32 -6.38 1.60 5.71
N HIS A 33 -6.62 0.81 4.67
CA HIS A 33 -7.94 0.72 4.06
C HIS A 33 -8.90 -0.08 4.94
N ALA A 34 -8.38 -1.15 5.54
CA ALA A 34 -9.19 -2.00 6.40
C ALA A 34 -9.86 -1.19 7.50
N GLU A 35 -9.19 -0.14 7.95
CA GLU A 35 -9.73 0.71 9.00
C GLU A 35 -10.90 1.54 8.48
N GLU A 36 -10.76 2.06 7.27
CA GLU A 36 -11.81 2.87 6.66
C GLU A 36 -12.80 1.98 5.89
N LYS A 37 -13.10 0.82 6.45
CA LYS A 37 -14.02 -0.12 5.81
C LYS A 37 -15.23 0.62 5.25
N PRO A 38 -15.69 0.18 4.08
CA PRO A 38 -16.85 0.78 3.41
C PRO A 38 -18.16 0.49 4.14
N SER A 39 -19.20 1.25 3.82
CA SER A 39 -20.51 1.07 4.44
C SER A 39 -21.60 0.96 3.39
N GLY A 40 -22.44 -0.08 3.53
CA GLY A 40 -23.53 -0.28 2.58
C GLY A 40 -23.41 -1.61 1.85
N PRO A 41 -24.55 -2.12 1.37
CA PRO A 41 -24.60 -3.40 0.64
C PRO A 41 -23.94 -3.30 -0.73
N SER A 42 -23.86 -2.08 -1.26
CA SER A 42 -23.26 -1.85 -2.57
C SER A 42 -21.74 -1.88 -2.48
N SER A 43 -21.13 -2.78 -3.25
CA SER A 43 -19.68 -2.92 -3.26
C SER A 43 -19.01 -1.55 -3.19
N GLY A 44 -19.51 -0.60 -3.98
CA GLY A 44 -18.94 0.73 -3.99
C GLY A 44 -18.78 1.30 -2.60
ZN ZN B . -3.06 0.75 -0.45
N GLY A 1 13.60 3.61 -24.43
CA GLY A 1 12.99 3.76 -23.12
C GLY A 1 13.55 2.81 -22.10
N SER A 2 14.75 3.10 -21.61
CA SER A 2 15.41 2.26 -20.62
C SER A 2 15.15 2.77 -19.21
N SER A 3 14.54 1.93 -18.38
CA SER A 3 14.22 2.29 -17.00
C SER A 3 13.86 1.06 -16.19
N GLY A 4 14.37 1.00 -14.96
CA GLY A 4 14.09 -0.12 -14.09
C GLY A 4 14.83 -0.05 -12.78
N SER A 5 16.01 0.58 -12.80
CA SER A 5 16.81 0.72 -11.59
C SER A 5 16.41 1.96 -10.80
N SER A 6 15.10 2.16 -10.65
CA SER A 6 14.58 3.30 -9.92
C SER A 6 13.51 2.88 -8.92
N GLY A 7 13.95 2.39 -7.77
CA GLY A 7 13.02 1.94 -6.74
C GLY A 7 12.34 0.64 -7.11
N GLU A 8 13.02 -0.47 -6.85
CA GLU A 8 12.47 -1.78 -7.16
C GLU A 8 11.31 -2.12 -6.23
N LYS A 9 10.09 -2.06 -6.78
CA LYS A 9 8.89 -2.36 -6.00
C LYS A 9 7.95 -3.28 -6.77
N PRO A 10 8.24 -4.59 -6.74
CA PRO A 10 7.44 -5.61 -7.43
C PRO A 10 6.07 -5.80 -6.78
N PHE A 11 5.82 -5.05 -5.72
CA PHE A 11 4.55 -5.14 -5.01
C PHE A 11 3.88 -3.76 -4.90
N GLY A 12 2.93 -3.50 -5.79
CA GLY A 12 2.24 -2.23 -5.79
C GLY A 12 0.77 -2.37 -5.46
N CYS A 13 0.32 -1.68 -4.42
CA CYS A 13 -1.08 -1.73 -4.00
C CYS A 13 -2.01 -1.55 -5.19
N SER A 14 -3.27 -1.91 -5.00
CA SER A 14 -4.27 -1.79 -6.08
C SER A 14 -5.19 -0.61 -5.82
N CYS A 15 -5.50 -0.37 -4.55
CA CYS A 15 -6.38 0.74 -4.17
C CYS A 15 -5.67 2.07 -4.33
N CYS A 16 -4.42 2.12 -3.86
CA CYS A 16 -3.63 3.35 -3.94
C CYS A 16 -2.52 3.21 -4.99
N GLU A 17 -1.69 4.24 -5.09
CA GLU A 17 -0.59 4.23 -6.05
C GLU A 17 0.75 4.05 -5.35
N LYS A 18 0.73 3.37 -4.21
CA LYS A 18 1.94 3.12 -3.44
C LYS A 18 2.54 1.76 -3.79
N ALA A 19 3.77 1.53 -3.35
CA ALA A 19 4.45 0.28 -3.61
C ALA A 19 5.47 -0.03 -2.53
N PHE A 20 5.69 -1.32 -2.28
CA PHE A 20 6.65 -1.75 -1.26
C PHE A 20 7.59 -2.82 -1.82
N SER A 21 8.84 -2.79 -1.36
CA SER A 21 9.84 -3.75 -1.81
C SER A 21 9.78 -5.03 -0.99
N SER A 22 8.57 -5.38 -0.54
CA SER A 22 8.38 -6.58 0.27
C SER A 22 6.90 -6.88 0.44
N LYS A 23 6.50 -8.08 0.07
CA LYS A 23 5.10 -8.51 0.18
C LYS A 23 4.56 -8.20 1.56
N SER A 24 5.38 -8.40 2.58
CA SER A 24 4.98 -8.13 3.96
C SER A 24 4.64 -6.66 4.16
N TYR A 25 5.52 -5.79 3.66
CA TYR A 25 5.32 -4.35 3.79
C TYR A 25 4.00 -3.92 3.16
N LEU A 26 3.74 -4.42 1.96
CA LEU A 26 2.51 -4.10 1.24
C LEU A 26 1.28 -4.53 2.04
N LEU A 27 1.30 -5.77 2.51
CA LEU A 27 0.19 -6.31 3.30
C LEU A 27 -0.11 -5.42 4.49
N VAL A 28 0.89 -5.24 5.36
CA VAL A 28 0.73 -4.41 6.55
C VAL A 28 0.17 -3.03 6.18
N HIS A 29 0.55 -2.53 5.01
CA HIS A 29 0.08 -1.24 4.55
C HIS A 29 -1.42 -1.25 4.29
N GLN A 30 -1.89 -2.30 3.62
CA GLN A 30 -3.31 -2.44 3.32
C GLN A 30 -4.16 -2.20 4.56
N GLN A 31 -3.54 -2.34 5.73
CA GLN A 31 -4.24 -2.13 6.99
C GLN A 31 -4.94 -0.78 7.02
N THR A 32 -4.32 0.21 6.40
CA THR A 32 -4.89 1.56 6.36
C THR A 32 -6.17 1.59 5.52
N HIS A 33 -6.33 0.58 4.66
CA HIS A 33 -7.51 0.50 3.82
C HIS A 33 -8.64 -0.25 4.51
N ALA A 34 -8.28 -1.00 5.57
CA ALA A 34 -9.26 -1.77 6.32
C ALA A 34 -10.13 -0.86 7.17
N GLU A 35 -9.58 0.28 7.59
CA GLU A 35 -10.32 1.23 8.41
C GLU A 35 -10.81 2.41 7.57
N GLU A 36 -10.02 2.76 6.55
CA GLU A 36 -10.38 3.87 5.67
C GLU A 36 -11.68 3.59 4.92
N LYS A 37 -12.15 2.35 5.02
CA LYS A 37 -13.38 1.95 4.36
C LYS A 37 -14.55 1.92 5.33
N PRO A 38 -15.74 2.35 4.87
CA PRO A 38 -16.94 2.38 5.69
C PRO A 38 -17.47 0.99 6.01
N SER A 39 -18.41 0.92 6.95
CA SER A 39 -18.99 -0.35 7.36
C SER A 39 -20.39 -0.15 7.92
N GLY A 40 -21.34 -0.96 7.45
CA GLY A 40 -22.70 -0.86 7.92
C GLY A 40 -23.50 -2.13 7.67
N PRO A 41 -24.27 -2.14 6.57
CA PRO A 41 -25.10 -3.30 6.20
C PRO A 41 -24.26 -4.48 5.75
N SER A 42 -22.94 -4.32 5.77
CA SER A 42 -22.02 -5.38 5.36
C SER A 42 -22.26 -5.76 3.90
N SER A 43 -22.41 -4.74 3.05
CA SER A 43 -22.65 -4.97 1.62
C SER A 43 -21.39 -4.66 0.81
N GLY A 44 -20.79 -5.69 0.23
CA GLY A 44 -19.59 -5.51 -0.56
C GLY A 44 -18.36 -6.09 0.11
ZN ZN B . -2.99 0.98 -0.63
N GLY A 1 15.75 12.81 -6.87
CA GLY A 1 15.29 14.13 -7.27
C GLY A 1 14.53 14.10 -8.60
N SER A 2 15.27 14.09 -9.70
CA SER A 2 14.67 14.07 -11.02
C SER A 2 13.83 12.80 -11.21
N SER A 3 12.74 12.93 -11.96
CA SER A 3 11.86 11.80 -12.22
C SER A 3 12.20 11.14 -13.57
N GLY A 4 12.26 9.82 -13.56
CA GLY A 4 12.57 9.09 -14.78
C GLY A 4 12.59 7.59 -14.58
N SER A 5 13.64 7.11 -13.91
CA SER A 5 13.78 5.67 -13.66
C SER A 5 12.87 5.24 -12.51
N SER A 6 12.18 4.12 -12.72
CA SER A 6 11.27 3.59 -11.71
C SER A 6 12.03 3.07 -10.50
N GLY A 7 11.30 2.69 -9.46
CA GLY A 7 11.92 2.18 -8.25
C GLY A 7 11.85 0.67 -8.16
N GLU A 8 12.48 0.11 -7.13
CA GLU A 8 12.48 -1.33 -6.93
C GLU A 8 11.30 -1.77 -6.10
N LYS A 9 10.10 -1.46 -6.59
CA LYS A 9 8.87 -1.81 -5.89
C LYS A 9 8.05 -2.82 -6.70
N PRO A 10 8.49 -4.09 -6.68
CA PRO A 10 7.81 -5.17 -7.41
C PRO A 10 6.45 -5.52 -6.80
N PHE A 11 6.07 -4.78 -5.76
CA PHE A 11 4.79 -5.00 -5.10
C PHE A 11 3.97 -3.72 -5.04
N GLY A 12 2.97 -3.62 -5.91
CA GLY A 12 2.13 -2.44 -5.95
C GLY A 12 0.73 -2.72 -5.43
N CYS A 13 0.23 -1.82 -4.59
CA CYS A 13 -1.11 -1.97 -4.02
C CYS A 13 -2.17 -1.94 -5.12
N SER A 14 -3.38 -2.36 -4.77
CA SER A 14 -4.48 -2.39 -5.74
C SER A 14 -5.48 -1.27 -5.45
N CYS A 15 -5.69 -1.00 -4.16
CA CYS A 15 -6.62 0.05 -3.75
C CYS A 15 -6.03 1.44 -4.02
N CYS A 16 -4.75 1.59 -3.75
CA CYS A 16 -4.07 2.86 -3.97
C CYS A 16 -2.97 2.73 -5.03
N GLU A 17 -2.23 3.80 -5.24
CA GLU A 17 -1.15 3.80 -6.23
C GLU A 17 0.21 3.72 -5.55
N LYS A 18 0.24 3.11 -4.38
CA LYS A 18 1.48 2.96 -3.62
C LYS A 18 2.22 1.69 -4.02
N ALA A 19 3.49 1.61 -3.65
CA ALA A 19 4.31 0.45 -3.97
C ALA A 19 5.38 0.21 -2.92
N PHE A 20 5.71 -1.05 -2.66
CA PHE A 20 6.71 -1.41 -1.67
C PHE A 20 7.76 -2.34 -2.27
N SER A 21 8.78 -2.65 -1.49
CA SER A 21 9.85 -3.53 -1.93
C SER A 21 9.71 -4.92 -1.32
N SER A 22 8.88 -5.02 -0.28
CA SER A 22 8.66 -6.29 0.39
C SER A 22 7.17 -6.57 0.55
N LYS A 23 6.74 -7.75 0.10
CA LYS A 23 5.35 -8.15 0.19
C LYS A 23 4.84 -8.06 1.62
N SER A 24 5.69 -8.45 2.57
CA SER A 24 5.33 -8.42 3.97
C SER A 24 4.86 -7.03 4.39
N TYR A 25 5.69 -6.03 4.10
CA TYR A 25 5.37 -4.65 4.45
C TYR A 25 4.06 -4.21 3.80
N LEU A 26 3.94 -4.49 2.50
CA LEU A 26 2.73 -4.13 1.76
C LEU A 26 1.48 -4.69 2.45
N LEU A 27 1.45 -6.01 2.61
CA LEU A 27 0.31 -6.68 3.25
C LEU A 27 -0.17 -5.88 4.46
N VAL A 28 0.77 -5.36 5.24
CA VAL A 28 0.45 -4.58 6.42
C VAL A 28 -0.16 -3.23 6.03
N HIS A 29 0.31 -2.67 4.93
CA HIS A 29 -0.19 -1.39 4.45
C HIS A 29 -1.66 -1.48 4.08
N GLN A 30 -2.06 -2.60 3.50
CA GLN A 30 -3.44 -2.81 3.10
C GLN A 30 -4.39 -2.52 4.25
N GLN A 31 -3.86 -2.52 5.46
CA GLN A 31 -4.66 -2.26 6.65
C GLN A 31 -5.16 -0.82 6.68
N THR A 32 -4.27 0.11 6.32
CA THR A 32 -4.61 1.53 6.29
C THR A 32 -5.95 1.75 5.58
N HIS A 33 -6.35 0.79 4.77
CA HIS A 33 -7.62 0.88 4.04
C HIS A 33 -8.79 0.44 4.91
N ALA A 34 -8.56 -0.60 5.71
CA ALA A 34 -9.60 -1.12 6.59
C ALA A 34 -9.84 -0.19 7.77
N GLU A 35 -8.78 0.49 8.21
CA GLU A 35 -8.88 1.41 9.33
C GLU A 35 -9.53 2.71 8.91
N GLU A 36 -9.49 3.01 7.61
CA GLU A 36 -10.09 4.22 7.07
C GLU A 36 -11.55 3.98 6.67
N LYS A 37 -12.28 3.27 7.53
CA LYS A 37 -13.68 2.98 7.27
C LYS A 37 -14.39 4.18 6.67
N PRO A 38 -15.17 3.93 5.60
CA PRO A 38 -15.91 4.98 4.90
C PRO A 38 -17.07 5.52 5.73
N SER A 39 -17.07 6.83 5.97
CA SER A 39 -18.12 7.47 6.76
C SER A 39 -18.84 8.53 5.93
N GLY A 40 -19.98 8.15 5.36
CA GLY A 40 -20.75 9.07 4.56
C GLY A 40 -22.18 8.63 4.36
N PRO A 41 -22.84 9.13 3.31
CA PRO A 41 -24.23 8.79 2.99
C PRO A 41 -24.38 7.35 2.52
N SER A 42 -25.61 6.85 2.57
CA SER A 42 -25.89 5.47 2.15
C SER A 42 -25.80 5.34 0.64
N SER A 43 -24.65 4.88 0.16
CA SER A 43 -24.42 4.70 -1.27
C SER A 43 -23.96 3.29 -1.58
N GLY A 44 -24.92 2.38 -1.73
CA GLY A 44 -24.58 0.99 -2.02
C GLY A 44 -25.22 0.50 -3.32
ZN ZN B . -3.10 0.72 -0.61
N GLY A 1 21.67 14.76 -3.25
CA GLY A 1 21.52 13.62 -2.38
C GLY A 1 22.09 12.36 -2.96
N SER A 2 21.21 11.44 -3.38
CA SER A 2 21.64 10.17 -3.96
C SER A 2 21.34 10.13 -5.45
N SER A 3 22.02 9.24 -6.16
CA SER A 3 21.83 9.11 -7.61
C SER A 3 21.44 7.68 -7.96
N GLY A 4 20.15 7.46 -8.20
CA GLY A 4 19.68 6.14 -8.56
C GLY A 4 18.55 5.66 -7.66
N SER A 5 17.86 4.62 -8.07
CA SER A 5 16.76 4.06 -7.30
C SER A 5 17.28 3.23 -6.12
N SER A 6 18.31 2.43 -6.39
CA SER A 6 18.90 1.58 -5.37
C SER A 6 17.83 0.73 -4.70
N GLY A 7 16.92 0.17 -5.50
CA GLY A 7 15.86 -0.66 -4.96
C GLY A 7 14.62 -0.64 -5.82
N GLU A 8 14.05 -1.82 -6.06
CA GLU A 8 12.84 -1.93 -6.88
C GLU A 8 11.66 -2.40 -6.05
N LYS A 9 10.46 -1.99 -6.45
CA LYS A 9 9.24 -2.36 -5.74
C LYS A 9 8.30 -3.14 -6.65
N PRO A 10 8.60 -4.42 -6.86
CA PRO A 10 7.78 -5.31 -7.71
C PRO A 10 6.43 -5.62 -7.09
N PHE A 11 6.16 -5.02 -5.93
CA PHE A 11 4.90 -5.23 -5.24
C PHE A 11 4.14 -3.92 -5.08
N GLY A 12 3.05 -3.78 -5.83
CA GLY A 12 2.25 -2.56 -5.76
C GLY A 12 0.83 -2.83 -5.28
N CYS A 13 0.37 -2.02 -4.33
CA CYS A 13 -0.97 -2.18 -3.79
C CYS A 13 -2.02 -2.20 -4.91
N SER A 14 -3.17 -2.79 -4.62
CA SER A 14 -4.25 -2.89 -5.60
C SER A 14 -5.25 -1.75 -5.40
N CYS A 15 -5.51 -1.40 -4.15
CA CYS A 15 -6.45 -0.33 -3.83
C CYS A 15 -5.88 1.03 -4.20
N CYS A 16 -4.61 1.25 -3.87
CA CYS A 16 -3.95 2.51 -4.16
C CYS A 16 -2.86 2.32 -5.22
N GLU A 17 -2.12 3.39 -5.49
CA GLU A 17 -1.05 3.33 -6.48
C GLU A 17 0.32 3.35 -5.80
N LYS A 18 0.36 2.85 -4.57
CA LYS A 18 1.60 2.81 -3.80
C LYS A 18 2.37 1.51 -4.09
N ALA A 19 3.63 1.49 -3.69
CA ALA A 19 4.47 0.31 -3.91
C ALA A 19 5.36 0.04 -2.69
N PHE A 20 5.74 -1.22 -2.51
CA PHE A 20 6.58 -1.62 -1.40
C PHE A 20 7.67 -2.58 -1.85
N SER A 21 8.88 -2.38 -1.34
CA SER A 21 10.01 -3.24 -1.68
C SER A 21 9.68 -4.71 -1.45
N SER A 22 9.14 -4.99 -0.27
CA SER A 22 8.78 -6.37 0.09
C SER A 22 7.27 -6.51 0.22
N LYS A 23 6.76 -7.70 -0.11
CA LYS A 23 5.34 -7.97 -0.02
C LYS A 23 4.83 -7.79 1.40
N SER A 24 5.51 -8.41 2.35
CA SER A 24 5.13 -8.33 3.76
C SER A 24 4.69 -6.91 4.11
N TYR A 25 5.59 -5.95 3.90
CA TYR A 25 5.30 -4.55 4.20
C TYR A 25 4.00 -4.11 3.53
N LEU A 26 3.86 -4.44 2.25
CA LEU A 26 2.67 -4.08 1.49
C LEU A 26 1.40 -4.57 2.20
N LEU A 27 1.42 -5.83 2.61
CA LEU A 27 0.28 -6.43 3.30
C LEU A 27 -0.13 -5.58 4.50
N VAL A 28 0.83 -5.31 5.39
CA VAL A 28 0.56 -4.51 6.57
C VAL A 28 -0.04 -3.16 6.20
N HIS A 29 0.45 -2.59 5.11
CA HIS A 29 -0.03 -1.29 4.64
C HIS A 29 -1.52 -1.34 4.34
N GLN A 30 -1.91 -2.29 3.50
CA GLN A 30 -3.32 -2.46 3.13
C GLN A 30 -4.24 -2.16 4.31
N GLN A 31 -3.83 -2.62 5.49
CA GLN A 31 -4.62 -2.41 6.70
C GLN A 31 -5.22 -1.01 6.73
N THR A 32 -4.39 -0.01 6.40
CA THR A 32 -4.84 1.37 6.40
C THR A 32 -6.24 1.49 5.80
N HIS A 33 -6.46 0.82 4.68
CA HIS A 33 -7.76 0.85 4.00
C HIS A 33 -8.86 0.33 4.93
N ALA A 34 -8.53 -0.69 5.71
CA ALA A 34 -9.49 -1.29 6.63
C ALA A 34 -9.93 -0.28 7.69
N GLU A 35 -8.97 0.52 8.16
CA GLU A 35 -9.27 1.53 9.18
C GLU A 35 -9.81 2.81 8.54
N GLU A 36 -8.97 3.46 7.72
CA GLU A 36 -9.36 4.69 7.05
C GLU A 36 -10.23 5.55 7.96
N LYS A 37 -9.92 5.54 9.25
CA LYS A 37 -10.68 6.32 10.23
C LYS A 37 -10.83 7.76 9.76
N PRO A 38 -11.96 8.39 10.14
CA PRO A 38 -12.24 9.78 9.78
C PRO A 38 -11.33 10.77 10.49
N SER A 39 -10.15 11.00 9.92
CA SER A 39 -9.19 11.91 10.50
C SER A 39 -8.64 12.87 9.44
N GLY A 40 -8.95 14.16 9.61
CA GLY A 40 -8.49 15.16 8.66
C GLY A 40 -9.13 15.00 7.29
N PRO A 41 -9.49 16.14 6.67
CA PRO A 41 -10.12 16.15 5.35
C PRO A 41 -9.16 15.73 4.24
N SER A 42 -7.94 15.36 4.62
CA SER A 42 -6.93 14.94 3.67
C SER A 42 -7.53 14.03 2.60
N SER A 43 -8.17 12.95 3.05
CA SER A 43 -8.79 12.00 2.13
C SER A 43 -9.98 12.63 1.42
N GLY A 44 -9.70 13.31 0.31
CA GLY A 44 -10.76 13.96 -0.45
C GLY A 44 -11.87 14.49 0.43
ZN ZN B . -3.09 0.60 -0.51
#